data_1GNF
#
_entry.id   1GNF
#
_cell.length_a   1.000
_cell.length_b   1.000
_cell.length_c   1.000
_cell.angle_alpha   90.00
_cell.angle_beta   90.00
_cell.angle_gamma   90.00
#
_symmetry.space_group_name_H-M   'P 1'
#
loop_
_entity.id
_entity.type
_entity.pdbx_description
1 polymer 'TRANSCRIPTION FACTOR GATA-1'
2 non-polymer 'ZINC ION'
#
_entity_poly.entity_id   1
_entity_poly.type   'polypeptide(L)'
_entity_poly.pdbx_seq_one_letter_code
;GSEARECVNCGATATPLWRRDRTGHYLCNACGLYHKMNGQNRPLIR
;
_entity_poly.pdbx_strand_id   A
#
loop_
_chem_comp.id
_chem_comp.type
_chem_comp.name
_chem_comp.formula
ZN non-polymer 'ZINC ION' 'Zn 2'
#
# COMPACT_ATOMS: atom_id res chain seq x y z
N GLY A 1 -0.51 18.69 1.04
CA GLY A 1 0.70 17.86 0.78
C GLY A 1 0.36 16.76 -0.23
N SER A 2 0.53 15.52 0.15
CA SER A 2 0.22 14.40 -0.79
C SER A 2 1.03 14.55 -2.09
N GLU A 3 2.22 15.08 -1.99
CA GLU A 3 3.05 15.25 -3.22
C GLU A 3 3.07 13.96 -4.03
N ALA A 4 3.88 13.01 -3.63
CA ALA A 4 3.92 11.72 -4.37
C ALA A 4 2.62 10.95 -4.20
N ARG A 5 2.64 9.67 -4.44
CA ARG A 5 1.40 8.86 -4.28
C ARG A 5 1.09 8.63 -2.80
N GLU A 6 -0.11 8.24 -2.48
CA GLU A 6 -0.46 8.01 -1.05
C GLU A 6 -0.82 6.54 -0.84
N CYS A 7 -0.02 5.81 -0.11
CA CYS A 7 -0.32 4.37 0.12
C CYS A 7 -1.76 4.20 0.59
N VAL A 8 -2.59 3.59 -0.20
CA VAL A 8 -4.01 3.38 0.20
C VAL A 8 -4.06 2.75 1.59
N ASN A 9 -3.00 2.16 2.04
CA ASN A 9 -3.00 1.51 3.38
C ASN A 9 -2.53 2.48 4.47
N CYS A 10 -1.31 2.96 4.39
CA CYS A 10 -0.81 3.87 5.44
C CYS A 10 -0.55 5.28 4.89
N GLY A 11 -0.78 5.50 3.61
CA GLY A 11 -0.58 6.86 3.02
C GLY A 11 0.91 7.13 2.79
N ALA A 12 1.74 6.17 3.07
CA ALA A 12 3.20 6.36 2.86
C ALA A 12 3.48 6.90 1.46
N THR A 13 3.83 8.14 1.34
CA THR A 13 4.13 8.70 -0.01
C THR A 13 5.64 8.86 -0.20
N ALA A 14 6.41 8.10 0.53
CA ALA A 14 7.90 8.19 0.40
C ALA A 14 8.45 6.80 0.10
N THR A 15 7.61 5.89 -0.33
CA THR A 15 8.09 4.52 -0.64
C THR A 15 9.09 4.54 -1.79
N PRO A 16 9.94 3.55 -1.82
CA PRO A 16 10.97 3.45 -2.88
C PRO A 16 10.32 3.03 -4.20
N LEU A 17 9.23 2.31 -4.13
CA LEU A 17 8.55 1.87 -5.39
C LEU A 17 7.08 1.54 -5.10
N TRP A 18 6.18 2.15 -5.83
CA TRP A 18 4.73 1.87 -5.60
C TRP A 18 4.31 0.59 -6.32
N ARG A 19 3.19 0.03 -5.97
CA ARG A 19 2.72 -1.21 -6.64
C ARG A 19 1.21 -1.37 -6.44
N ARG A 20 0.46 -1.38 -7.51
CA ARG A 20 -1.02 -1.52 -7.37
C ARG A 20 -1.42 -3.00 -7.40
N ASP A 21 -2.60 -3.30 -6.92
CA ASP A 21 -3.07 -4.71 -6.91
C ASP A 21 -4.38 -4.83 -7.68
N ARG A 22 -5.13 -5.87 -7.46
CA ARG A 22 -6.42 -6.03 -8.20
C ARG A 22 -7.24 -4.75 -8.07
N THR A 23 -7.08 -4.03 -7.00
CA THR A 23 -7.86 -2.77 -6.82
C THR A 23 -7.12 -1.59 -7.44
N GLY A 24 -5.98 -1.83 -8.04
CA GLY A 24 -5.22 -0.71 -8.66
C GLY A 24 -4.81 0.30 -7.59
N HIS A 25 -4.60 -0.14 -6.38
CA HIS A 25 -4.20 0.81 -5.31
C HIS A 25 -2.71 1.14 -5.42
N TYR A 26 -2.12 1.69 -4.39
CA TYR A 26 -0.67 2.03 -4.46
C TYR A 26 0.00 1.81 -3.11
N LEU A 27 0.01 0.59 -2.62
CA LEU A 27 0.66 0.33 -1.31
C LEU A 27 2.09 0.89 -1.33
N CYS A 28 2.72 0.98 -0.18
CA CYS A 28 4.10 1.51 -0.15
C CYS A 28 5.13 0.37 -0.13
N ASN A 29 4.83 -0.69 0.55
CA ASN A 29 5.79 -1.84 0.58
C ASN A 29 5.32 -2.92 1.56
N ALA A 30 5.40 -2.66 2.83
CA ALA A 30 4.97 -3.68 3.84
C ALA A 30 3.45 -3.78 3.90
N CYS A 31 2.74 -2.79 3.43
CA CYS A 31 1.25 -2.85 3.48
C CYS A 31 0.72 -3.93 2.54
N GLY A 32 1.48 -4.30 1.55
CA GLY A 32 1.01 -5.36 0.61
C GLY A 32 1.53 -6.73 1.05
N LEU A 33 2.55 -6.75 1.86
CA LEU A 33 3.09 -8.07 2.32
C LEU A 33 1.95 -9.03 2.67
N TYR A 34 0.95 -8.55 3.35
CA TYR A 34 -0.20 -9.44 3.71
C TYR A 34 -0.83 -10.03 2.45
N HIS A 35 -1.19 -9.21 1.51
CA HIS A 35 -1.82 -9.72 0.26
C HIS A 35 -0.87 -10.71 -0.44
N LYS A 36 0.41 -10.61 -0.17
CA LYS A 36 1.38 -11.53 -0.82
C LYS A 36 1.24 -12.94 -0.24
N MET A 37 1.31 -13.07 1.06
CA MET A 37 1.18 -14.42 1.68
C MET A 37 -0.25 -14.67 2.15
N ASN A 38 -0.83 -13.74 2.86
CA ASN A 38 -2.23 -13.92 3.33
C ASN A 38 -3.21 -13.76 2.18
N GLY A 39 -2.96 -12.81 1.31
CA GLY A 39 -3.87 -12.60 0.16
C GLY A 39 -5.03 -11.69 0.56
N GLN A 40 -5.31 -11.58 1.83
CA GLN A 40 -6.44 -10.71 2.27
C GLN A 40 -5.99 -9.24 2.30
N ASN A 41 -6.83 -8.37 2.78
CA ASN A 41 -6.45 -6.93 2.83
C ASN A 41 -5.75 -6.60 4.16
N ARG A 42 -5.10 -5.48 4.23
CA ARG A 42 -4.40 -5.10 5.50
C ARG A 42 -5.35 -4.35 6.42
N PRO A 43 -5.23 -4.63 7.69
CA PRO A 43 -6.10 -3.96 8.70
C PRO A 43 -5.66 -2.51 8.90
N LEU A 44 -4.55 -2.30 9.57
CA LEU A 44 -4.07 -0.91 9.81
C LEU A 44 -5.04 -0.17 10.74
N ILE A 45 -4.86 1.11 10.88
CA ILE A 45 -5.76 1.89 11.77
C ILE A 45 -5.89 3.33 11.27
N ARG A 46 -7.03 3.94 11.49
CA ARG A 46 -7.22 5.34 11.02
C ARG A 46 -8.29 6.04 11.86
ZN ZN B . 1.80 1.64 3.32
N GLY A 1 -1.22 19.03 -5.85
CA GLY A 1 -1.33 18.65 -4.42
C GLY A 1 -0.90 17.19 -4.24
N SER A 2 -0.30 16.87 -3.12
CA SER A 2 0.13 15.46 -2.89
C SER A 2 0.79 14.90 -4.15
N GLU A 3 1.96 15.37 -4.49
CA GLU A 3 2.65 14.85 -5.70
C GLU A 3 2.75 13.33 -5.66
N ALA A 4 3.68 12.81 -4.90
CA ALA A 4 3.83 11.33 -4.81
C ALA A 4 2.48 10.67 -4.54
N ARG A 5 2.41 9.37 -4.64
CA ARG A 5 1.13 8.66 -4.39
C ARG A 5 0.88 8.54 -2.88
N GLU A 6 -0.24 7.99 -2.49
CA GLU A 6 -0.54 7.85 -1.04
C GLU A 6 -0.94 6.40 -0.73
N CYS A 7 -0.13 5.68 -0.01
CA CYS A 7 -0.47 4.27 0.30
C CYS A 7 -1.90 4.17 0.84
N VAL A 8 -2.79 3.63 0.06
CA VAL A 8 -4.20 3.48 0.52
C VAL A 8 -4.22 2.79 1.89
N ASN A 9 -3.15 2.14 2.27
CA ASN A 9 -3.12 1.44 3.58
C ASN A 9 -2.60 2.35 4.69
N CYS A 10 -1.40 2.87 4.58
CA CYS A 10 -0.88 3.73 5.67
C CYS A 10 -0.66 5.17 5.18
N GLY A 11 -0.88 5.43 3.91
CA GLY A 11 -0.73 6.83 3.39
C GLY A 11 0.76 7.15 3.16
N ALA A 12 1.61 6.19 3.30
CA ALA A 12 3.05 6.44 3.08
C ALA A 12 3.27 7.16 1.75
N THR A 13 3.92 8.29 1.77
CA THR A 13 4.15 9.04 0.50
C THR A 13 5.62 8.89 0.08
N ALA A 14 6.43 8.29 0.91
CA ALA A 14 7.87 8.11 0.54
C ALA A 14 8.25 6.64 0.68
N THR A 15 8.16 5.89 -0.40
CA THR A 15 8.52 4.45 -0.33
C THR A 15 9.31 4.04 -1.58
N PRO A 16 10.09 2.99 -1.43
CA PRO A 16 10.91 2.49 -2.56
C PRO A 16 10.02 1.80 -3.60
N LEU A 17 9.68 2.47 -4.66
CA LEU A 17 8.83 1.85 -5.71
C LEU A 17 7.43 1.56 -5.15
N TRP A 18 6.41 1.84 -5.91
CA TRP A 18 5.02 1.57 -5.43
C TRP A 18 4.51 0.24 -6.00
N ARG A 19 3.37 -0.20 -5.56
CA ARG A 19 2.81 -1.48 -6.08
C ARG A 19 1.27 -1.46 -5.98
N ARG A 20 0.60 -1.56 -7.09
CA ARG A 20 -0.90 -1.54 -7.06
C ARG A 20 -1.44 -2.95 -6.92
N ASP A 21 -2.69 -3.07 -6.54
CA ASP A 21 -3.31 -4.40 -6.37
C ASP A 21 -4.58 -4.51 -7.22
N ARG A 22 -5.44 -5.44 -6.90
CA ARG A 22 -6.70 -5.58 -7.68
C ARG A 22 -7.41 -4.24 -7.80
N THR A 23 -7.31 -3.40 -6.81
CA THR A 23 -8.00 -2.08 -6.86
C THR A 23 -7.08 -1.02 -7.49
N GLY A 24 -6.05 -1.45 -8.17
CA GLY A 24 -5.14 -0.46 -8.81
C GLY A 24 -4.67 0.58 -7.79
N HIS A 25 -4.70 0.24 -6.53
CA HIS A 25 -4.26 1.23 -5.50
C HIS A 25 -2.74 1.39 -5.55
N TYR A 26 -2.16 2.00 -4.56
CA TYR A 26 -0.68 2.20 -4.57
C TYR A 26 -0.11 2.02 -3.16
N LEU A 27 0.05 0.81 -2.70
CA LEU A 27 0.60 0.60 -1.34
C LEU A 27 2.07 1.03 -1.28
N CYS A 28 2.67 0.97 -0.13
CA CYS A 28 4.11 1.39 -0.01
C CYS A 28 5.02 0.16 0.09
N ASN A 29 4.60 -0.85 0.80
CA ASN A 29 5.47 -2.08 0.94
C ASN A 29 4.92 -2.99 2.04
N ALA A 30 5.22 -2.70 3.28
CA ALA A 30 4.74 -3.57 4.39
C ALA A 30 3.22 -3.74 4.30
N CYS A 31 2.55 -2.80 3.70
CA CYS A 31 1.07 -2.90 3.58
C CYS A 31 0.69 -3.94 2.53
N GLY A 32 1.60 -4.27 1.65
CA GLY A 32 1.28 -5.28 0.59
C GLY A 32 1.83 -6.65 1.01
N LEU A 33 2.82 -6.67 1.84
CA LEU A 33 3.39 -7.98 2.29
C LEU A 33 2.28 -9.00 2.57
N TYR A 34 1.26 -8.59 3.27
CA TYR A 34 0.14 -9.53 3.57
C TYR A 34 -0.55 -9.96 2.28
N HIS A 35 -0.78 -9.05 1.38
CA HIS A 35 -1.46 -9.41 0.10
C HIS A 35 -0.60 -10.38 -0.71
N LYS A 36 0.68 -10.41 -0.47
CA LYS A 36 1.56 -11.33 -1.26
C LYS A 36 1.48 -12.75 -0.69
N MET A 37 1.57 -12.91 0.59
CA MET A 37 1.52 -14.27 1.20
C MET A 37 0.07 -14.73 1.37
N ASN A 38 -0.69 -14.03 2.17
CA ASN A 38 -2.11 -14.42 2.39
C ASN A 38 -2.94 -14.14 1.14
N GLY A 39 -2.68 -13.06 0.46
CA GLY A 39 -3.45 -12.73 -0.75
C GLY A 39 -4.53 -11.69 -0.41
N GLN A 40 -4.94 -11.65 0.82
CA GLN A 40 -5.98 -10.66 1.22
C GLN A 40 -5.38 -9.26 1.35
N ASN A 41 -6.14 -8.31 1.80
CA ASN A 41 -5.60 -6.92 1.95
C ASN A 41 -5.07 -6.72 3.37
N ARG A 42 -4.34 -5.65 3.59
CA ARG A 42 -3.80 -5.39 4.96
C ARG A 42 -4.60 -4.28 5.64
N PRO A 43 -5.36 -4.66 6.63
CA PRO A 43 -6.17 -3.68 7.38
C PRO A 43 -5.28 -2.83 8.30
N LEU A 44 -5.88 -2.14 9.24
CA LEU A 44 -5.07 -1.30 10.16
C LEU A 44 -5.63 -1.40 11.58
N ILE A 45 -4.88 -0.95 12.56
CA ILE A 45 -5.37 -1.02 13.96
C ILE A 45 -6.13 0.26 14.32
N ARG A 46 -5.78 1.35 13.70
CA ARG A 46 -6.47 2.64 14.00
C ARG A 46 -7.24 3.13 12.78
ZN ZN B . 1.74 1.58 3.45
N GLY A 1 -1.73 19.15 -1.99
CA GLY A 1 -0.61 18.67 -1.14
C GLY A 1 -0.53 17.14 -1.22
N SER A 2 0.00 16.63 -2.31
CA SER A 2 0.12 15.15 -2.45
C SER A 2 0.91 14.79 -3.71
N GLU A 3 1.95 15.53 -4.00
CA GLU A 3 2.74 15.24 -5.23
C GLU A 3 3.01 13.74 -5.34
N ALA A 4 3.56 13.16 -4.30
CA ALA A 4 3.84 11.70 -4.33
C ALA A 4 2.55 10.90 -4.13
N ARG A 5 2.58 9.63 -4.44
CA ARG A 5 1.35 8.81 -4.27
C ARG A 5 1.06 8.59 -2.78
N GLU A 6 -0.08 8.03 -2.47
CA GLU A 6 -0.42 7.79 -1.03
C GLU A 6 -0.82 6.32 -0.83
N CYS A 7 -0.04 5.59 -0.07
CA CYS A 7 -0.37 4.17 0.16
C CYS A 7 -1.83 4.03 0.60
N VAL A 8 -2.66 3.45 -0.21
CA VAL A 8 -4.08 3.27 0.17
C VAL A 8 -4.17 2.60 1.55
N ASN A 9 -3.12 1.96 1.99
CA ASN A 9 -3.15 1.28 3.32
C ASN A 9 -2.65 2.19 4.44
N CYS A 10 -1.43 2.66 4.37
CA CYS A 10 -0.91 3.52 5.47
C CYS A 10 -0.60 4.95 4.99
N GLY A 11 -0.85 5.25 3.74
CA GLY A 11 -0.61 6.63 3.24
C GLY A 11 0.89 6.88 3.03
N ALA A 12 1.69 5.87 3.21
CA ALA A 12 3.16 6.03 3.03
C ALA A 12 3.45 6.83 1.75
N THR A 13 3.99 8.01 1.88
CA THR A 13 4.30 8.83 0.67
C THR A 13 5.81 8.80 0.38
N ALA A 14 6.59 8.39 1.34
CA ALA A 14 8.07 8.34 1.14
C ALA A 14 8.49 6.91 0.79
N THR A 15 7.61 6.14 0.20
CA THR A 15 7.96 4.73 -0.16
C THR A 15 8.67 4.70 -1.51
N PRO A 16 9.47 3.69 -1.68
CA PRO A 16 10.23 3.53 -2.95
C PRO A 16 9.26 3.14 -4.09
N LEU A 17 9.75 2.49 -5.11
CA LEU A 17 8.87 2.10 -6.25
C LEU A 17 7.49 1.68 -5.73
N TRP A 18 6.45 2.37 -6.14
CA TRP A 18 5.08 2.02 -5.67
C TRP A 18 4.62 0.71 -6.31
N ARG A 19 3.54 0.15 -5.82
CA ARG A 19 3.03 -1.12 -6.39
C ARG A 19 1.51 -1.20 -6.20
N ARG A 20 0.77 -1.28 -7.26
CA ARG A 20 -0.71 -1.34 -7.13
C ARG A 20 -1.18 -2.79 -7.04
N ASP A 21 -2.40 -3.01 -6.65
CA ASP A 21 -2.92 -4.40 -6.54
C ASP A 21 -4.23 -4.54 -7.30
N ARG A 22 -4.99 -5.57 -7.03
CA ARG A 22 -6.28 -5.78 -7.74
C ARG A 22 -7.11 -4.49 -7.68
N THR A 23 -6.94 -3.72 -6.65
CA THR A 23 -7.73 -2.46 -6.53
C THR A 23 -7.01 -1.30 -7.21
N GLY A 24 -6.03 -1.60 -8.02
CA GLY A 24 -5.29 -0.51 -8.72
C GLY A 24 -4.82 0.54 -7.71
N HIS A 25 -4.73 0.18 -6.46
CA HIS A 25 -4.27 1.15 -5.43
C HIS A 25 -2.76 1.36 -5.55
N TYR A 26 -2.16 1.97 -4.56
CA TYR A 26 -0.69 2.20 -4.63
C TYR A 26 -0.05 1.96 -3.26
N LEU A 27 -0.01 0.73 -2.82
CA LEU A 27 0.61 0.46 -1.48
C LEU A 27 2.04 1.00 -1.44
N CYS A 28 2.68 0.95 -0.30
CA CYS A 28 4.07 1.47 -0.21
C CYS A 28 5.07 0.30 -0.22
N ASN A 29 4.76 -0.78 0.44
CA ASN A 29 5.70 -1.94 0.45
C ASN A 29 5.27 -2.97 1.50
N ALA A 30 5.51 -2.69 2.75
CA ALA A 30 5.12 -3.66 3.83
C ALA A 30 3.60 -3.87 3.85
N CYS A 31 2.85 -2.96 3.26
CA CYS A 31 1.37 -3.12 3.26
C CYS A 31 0.95 -4.20 2.27
N GLY A 32 1.81 -4.55 1.35
CA GLY A 32 1.44 -5.59 0.35
C GLY A 32 1.89 -6.97 0.86
N LEU A 33 2.79 -7.01 1.81
CA LEU A 33 3.25 -8.31 2.34
C LEU A 33 2.05 -9.22 2.64
N TYR A 34 1.11 -8.74 3.41
CA TYR A 34 -0.08 -9.57 3.74
C TYR A 34 -0.78 -10.03 2.46
N HIS A 35 -1.06 -9.10 1.57
CA HIS A 35 -1.74 -9.48 0.30
C HIS A 35 -0.97 -10.59 -0.42
N LYS A 36 0.29 -10.74 -0.12
CA LYS A 36 1.10 -11.80 -0.78
C LYS A 36 0.85 -13.16 -0.11
N MET A 37 1.06 -13.25 1.17
CA MET A 37 0.85 -14.55 1.88
C MET A 37 -0.63 -14.78 2.17
N ASN A 38 -1.22 -13.94 2.97
CA ASN A 38 -2.65 -14.10 3.32
C ASN A 38 -3.54 -13.79 2.10
N GLY A 39 -3.09 -12.92 1.25
CA GLY A 39 -3.91 -12.59 0.05
C GLY A 39 -4.77 -11.36 0.35
N GLN A 40 -5.38 -11.32 1.51
CA GLN A 40 -6.23 -10.14 1.86
C GLN A 40 -5.36 -8.91 2.09
N ASN A 41 -5.94 -7.84 2.57
CA ASN A 41 -5.14 -6.60 2.81
C ASN A 41 -4.54 -6.63 4.22
N ARG A 42 -3.64 -5.73 4.50
CA ARG A 42 -3.01 -5.70 5.85
C ARG A 42 -3.65 -4.59 6.69
N PRO A 43 -3.98 -4.92 7.92
CA PRO A 43 -4.61 -3.95 8.83
C PRO A 43 -3.58 -2.93 9.31
N LEU A 44 -4.04 -1.87 9.92
CA LEU A 44 -3.10 -0.83 10.42
C LEU A 44 -3.22 -0.70 11.94
N ILE A 45 -2.71 0.36 12.50
CA ILE A 45 -2.78 0.53 13.97
C ILE A 45 -3.56 1.81 14.32
N ARG A 46 -3.93 1.97 15.56
CA ARG A 46 -4.68 3.20 15.96
C ARG A 46 -3.88 4.00 16.99
ZN ZN B . 1.77 1.37 3.28
N GLY A 1 5.75 18.57 -5.09
CA GLY A 1 4.53 18.71 -4.24
C GLY A 1 3.62 17.49 -4.43
N SER A 2 3.32 16.80 -3.37
CA SER A 2 2.44 15.60 -3.48
C SER A 2 2.90 14.71 -4.65
N GLU A 3 4.16 14.76 -4.98
CA GLU A 3 4.66 13.92 -6.10
C GLU A 3 4.38 12.45 -5.82
N ALA A 4 4.96 11.92 -4.78
CA ALA A 4 4.75 10.47 -4.45
C ALA A 4 3.25 10.22 -4.21
N ARG A 5 2.83 8.99 -4.38
CA ARG A 5 1.39 8.66 -4.16
C ARG A 5 1.11 8.49 -2.67
N GLU A 6 -0.07 8.07 -2.33
CA GLU A 6 -0.41 7.88 -0.88
C GLU A 6 -0.91 6.45 -0.66
N CYS A 7 -0.19 5.68 0.12
CA CYS A 7 -0.61 4.28 0.37
C CYS A 7 -2.10 4.23 0.75
N VAL A 8 -2.92 3.71 -0.10
CA VAL A 8 -4.37 3.61 0.22
C VAL A 8 -4.58 2.98 1.59
N ASN A 9 -3.59 2.30 2.11
CA ASN A 9 -3.75 1.64 3.43
C ASN A 9 -3.22 2.52 4.58
N CYS A 10 -1.98 2.93 4.54
CA CYS A 10 -1.45 3.74 5.67
C CYS A 10 -1.00 5.14 5.19
N GLY A 11 -1.15 5.45 3.94
CA GLY A 11 -0.78 6.82 3.44
C GLY A 11 0.73 6.94 3.27
N ALA A 12 1.45 5.87 3.45
CA ALA A 12 2.94 5.92 3.29
C ALA A 12 3.30 6.60 1.97
N THR A 13 3.87 7.78 2.03
CA THR A 13 4.25 8.49 0.78
C THR A 13 5.77 8.42 0.57
N ALA A 14 6.48 7.86 1.50
CA ALA A 14 7.96 7.76 1.35
C ALA A 14 8.36 6.35 0.90
N THR A 15 7.42 5.59 0.41
CA THR A 15 7.74 4.21 -0.05
C THR A 15 8.78 4.26 -1.17
N PRO A 16 9.52 3.18 -1.28
CA PRO A 16 10.58 3.09 -2.32
C PRO A 16 9.95 2.93 -3.70
N LEU A 17 9.04 2.01 -3.86
CA LEU A 17 8.39 1.80 -5.19
C LEU A 17 6.90 1.48 -5.00
N TRP A 18 6.05 2.23 -5.63
CA TRP A 18 4.59 1.96 -5.49
C TRP A 18 4.18 0.74 -6.31
N ARG A 19 2.94 0.36 -6.23
CA ARG A 19 2.47 -0.83 -7.01
C ARG A 19 0.96 -1.01 -6.82
N ARG A 20 0.22 -1.06 -7.89
CA ARG A 20 -1.25 -1.21 -7.76
C ARG A 20 -1.64 -2.70 -7.74
N ASP A 21 -2.82 -3.00 -7.26
CA ASP A 21 -3.26 -4.42 -7.21
C ASP A 21 -4.63 -4.55 -7.89
N ARG A 22 -5.37 -5.58 -7.55
CA ARG A 22 -6.71 -5.77 -8.18
C ARG A 22 -7.55 -4.51 -7.99
N THR A 23 -7.31 -3.78 -6.94
CA THR A 23 -8.11 -2.55 -6.69
C THR A 23 -7.46 -1.32 -7.33
N GLY A 24 -6.31 -1.51 -7.95
CA GLY A 24 -5.63 -0.37 -8.61
C GLY A 24 -5.22 0.68 -7.56
N HIS A 25 -4.88 0.25 -6.37
CA HIS A 25 -4.48 1.24 -5.33
C HIS A 25 -2.96 1.46 -5.39
N TYR A 26 -2.39 2.00 -4.35
CA TYR A 26 -0.92 2.24 -4.36
C TYR A 26 -0.33 1.98 -2.97
N LEU A 27 -0.40 0.77 -2.50
CA LEU A 27 0.17 0.47 -1.15
C LEU A 27 1.62 0.95 -1.07
N CYS A 28 2.23 0.88 0.08
CA CYS A 28 3.64 1.32 0.21
C CYS A 28 4.55 0.11 0.38
N ASN A 29 4.27 -0.96 -0.33
CA ASN A 29 5.11 -2.18 -0.22
C ASN A 29 4.93 -2.84 1.16
N ALA A 30 5.16 -2.10 2.21
CA ALA A 30 5.01 -2.68 3.57
C ALA A 30 3.58 -3.19 3.78
N CYS A 31 2.62 -2.47 3.28
CA CYS A 31 1.20 -2.91 3.45
C CYS A 31 0.87 -4.04 2.48
N GLY A 32 1.59 -4.13 1.39
CA GLY A 32 1.32 -5.22 0.40
C GLY A 32 1.96 -6.52 0.89
N LEU A 33 2.95 -6.43 1.74
CA LEU A 33 3.61 -7.67 2.23
C LEU A 33 2.57 -8.72 2.58
N TYR A 34 1.57 -8.35 3.33
CA TYR A 34 0.51 -9.33 3.70
C TYR A 34 -0.15 -9.91 2.45
N HIS A 35 -0.55 -9.07 1.53
CA HIS A 35 -1.20 -9.56 0.29
C HIS A 35 -0.24 -10.47 -0.48
N LYS A 36 1.02 -10.38 -0.22
CA LYS A 36 2.00 -11.24 -0.95
C LYS A 36 2.01 -12.65 -0.36
N MET A 37 2.08 -12.77 0.95
CA MET A 37 2.09 -14.12 1.57
C MET A 37 0.67 -14.54 1.96
N ASN A 38 0.05 -13.79 2.83
CA ASN A 38 -1.34 -14.15 3.25
C ASN A 38 -2.32 -13.90 2.11
N GLY A 39 -2.10 -12.89 1.34
CA GLY A 39 -3.01 -12.59 0.20
C GLY A 39 -4.19 -11.74 0.70
N GLN A 40 -4.43 -11.72 1.98
CA GLN A 40 -5.56 -10.92 2.51
C GLN A 40 -5.17 -9.44 2.61
N ASN A 41 -6.06 -8.60 3.03
CA ASN A 41 -5.74 -7.14 3.14
C ASN A 41 -5.15 -6.84 4.53
N ARG A 42 -4.16 -6.00 4.59
CA ARG A 42 -3.55 -5.67 5.92
C ARG A 42 -4.38 -4.58 6.62
N PRO A 43 -4.68 -4.83 7.87
CA PRO A 43 -5.47 -3.86 8.67
C PRO A 43 -4.62 -2.64 9.01
N LEU A 44 -5.17 -1.72 9.76
CA LEU A 44 -4.40 -0.51 10.13
C LEU A 44 -4.03 -0.55 11.62
N ILE A 45 -4.79 0.12 12.45
CA ILE A 45 -4.50 0.12 13.91
C ILE A 45 -5.29 -0.98 14.62
N ARG A 46 -6.56 -0.77 14.83
CA ARG A 46 -7.38 -1.80 15.52
C ARG A 46 -7.84 -2.86 14.52
ZN ZN B . 1.27 1.46 3.63
N GLY A 1 1.25 19.48 -1.13
CA GLY A 1 1.20 19.10 -2.56
C GLY A 1 0.71 17.65 -2.69
N SER A 2 0.84 17.07 -3.85
CA SER A 2 0.38 15.66 -4.03
C SER A 2 1.33 14.92 -4.98
N GLU A 3 2.58 15.32 -5.03
CA GLU A 3 3.54 14.63 -5.93
C GLU A 3 3.55 13.13 -5.66
N ALA A 4 4.20 12.71 -4.61
CA ALA A 4 4.24 11.26 -4.30
C ALA A 4 2.84 10.74 -3.94
N ARG A 5 2.52 9.54 -4.32
CA ARG A 5 1.17 8.98 -4.01
C ARG A 5 1.05 8.72 -2.51
N GLU A 6 -0.11 8.34 -2.06
CA GLU A 6 -0.31 8.06 -0.61
C GLU A 6 -0.79 6.62 -0.41
N CYS A 7 -0.08 5.84 0.35
CA CYS A 7 -0.50 4.43 0.57
C CYS A 7 -1.96 4.37 0.99
N VAL A 8 -2.80 3.79 0.16
CA VAL A 8 -4.24 3.68 0.50
C VAL A 8 -4.40 3.11 1.91
N ASN A 9 -3.40 2.45 2.42
CA ASN A 9 -3.52 1.85 3.77
C ASN A 9 -2.95 2.77 4.86
N CYS A 10 -1.69 3.10 4.80
CA CYS A 10 -1.10 3.96 5.88
C CYS A 10 -0.68 5.34 5.35
N GLY A 11 -0.92 5.62 4.10
CA GLY A 11 -0.57 6.97 3.54
C GLY A 11 0.95 7.08 3.32
N ALA A 12 1.66 6.03 3.57
CA ALA A 12 3.14 6.08 3.38
C ALA A 12 3.48 6.77 2.06
N THR A 13 4.21 7.85 2.11
CA THR A 13 4.58 8.56 0.85
C THR A 13 6.05 8.28 0.50
N ALA A 14 6.76 7.64 1.39
CA ALA A 14 8.19 7.33 1.13
C ALA A 14 8.37 5.82 0.94
N THR A 15 7.93 5.30 -0.18
CA THR A 15 8.08 3.83 -0.41
C THR A 15 8.84 3.59 -1.72
N PRO A 16 9.62 2.55 -1.72
CA PRO A 16 10.41 2.19 -2.93
C PRO A 16 9.50 1.62 -4.00
N LEU A 17 9.08 2.44 -4.93
CA LEU A 17 8.18 1.95 -6.01
C LEU A 17 6.80 1.60 -5.44
N TRP A 18 5.78 2.26 -5.90
CA TRP A 18 4.41 1.97 -5.38
C TRP A 18 3.87 0.68 -5.99
N ARG A 19 3.68 0.66 -7.28
CA ARG A 19 3.16 -0.58 -7.94
C ARG A 19 1.75 -0.88 -7.42
N ARG A 20 0.79 -0.95 -8.30
CA ARG A 20 -0.61 -1.23 -7.87
C ARG A 20 -0.85 -2.75 -7.86
N ASP A 21 -1.93 -3.18 -7.26
CA ASP A 21 -2.23 -4.63 -7.22
C ASP A 21 -3.64 -4.90 -7.76
N ARG A 22 -4.17 -6.07 -7.50
CA ARG A 22 -5.53 -6.41 -7.99
C ARG A 22 -6.53 -5.32 -7.59
N THR A 23 -6.29 -4.67 -6.49
CA THR A 23 -7.24 -3.62 -6.03
C THR A 23 -6.86 -2.26 -6.63
N GLY A 24 -5.96 -2.24 -7.58
CA GLY A 24 -5.55 -0.96 -8.21
C GLY A 24 -5.22 0.08 -7.14
N HIS A 25 -4.88 -0.36 -5.95
CA HIS A 25 -4.53 0.62 -4.88
C HIS A 25 -3.04 0.97 -4.94
N TYR A 26 -2.56 1.74 -4.01
CA TYR A 26 -1.11 2.12 -4.03
C TYR A 26 -0.46 1.83 -2.68
N LEU A 27 -0.48 0.61 -2.23
CA LEU A 27 0.15 0.29 -0.91
C LEU A 27 1.62 0.70 -0.94
N CYS A 28 2.24 0.80 0.22
CA CYS A 28 3.68 1.20 0.25
C CYS A 28 4.55 -0.04 0.45
N ASN A 29 4.26 -1.11 -0.26
CA ASN A 29 5.07 -2.35 -0.12
C ASN A 29 4.89 -2.96 1.27
N ALA A 30 5.16 -2.22 2.31
CA ALA A 30 5.00 -2.76 3.69
C ALA A 30 3.55 -3.19 3.93
N CYS A 31 2.61 -2.43 3.46
CA CYS A 31 1.17 -2.79 3.67
C CYS A 31 0.76 -3.92 2.70
N GLY A 32 1.08 -3.77 1.44
CA GLY A 32 0.71 -4.82 0.46
C GLY A 32 1.33 -6.16 0.87
N LEU A 33 2.28 -6.13 1.76
CA LEU A 33 2.92 -7.40 2.20
C LEU A 33 1.86 -8.49 2.42
N TYR A 34 0.75 -8.12 3.00
CA TYR A 34 -0.32 -9.13 3.25
C TYR A 34 -0.80 -9.72 1.92
N HIS A 35 -1.16 -8.88 0.98
CA HIS A 35 -1.64 -9.38 -0.33
C HIS A 35 -0.60 -10.30 -0.96
N LYS A 36 0.65 -10.17 -0.58
CA LYS A 36 1.70 -11.04 -1.16
C LYS A 36 1.70 -12.41 -0.49
N MET A 37 1.69 -12.43 0.82
CA MET A 37 1.68 -13.74 1.54
C MET A 37 0.26 -14.17 1.88
N ASN A 38 -0.53 -13.27 2.38
CA ASN A 38 -1.94 -13.62 2.74
C ASN A 38 -2.85 -13.49 1.52
N GLY A 39 -2.55 -12.57 0.65
CA GLY A 39 -3.40 -12.38 -0.56
C GLY A 39 -4.54 -11.42 -0.25
N GLN A 40 -4.96 -11.35 0.99
CA GLN A 40 -6.07 -10.43 1.37
C GLN A 40 -5.54 -8.99 1.50
N ASN A 41 -6.30 -8.12 2.11
CA ASN A 41 -5.84 -6.72 2.28
C ASN A 41 -5.60 -6.41 3.76
N ARG A 42 -4.44 -5.92 4.09
CA ARG A 42 -4.13 -5.59 5.51
C ARG A 42 -5.12 -4.54 6.03
N PRO A 43 -5.83 -4.89 7.07
CA PRO A 43 -6.83 -3.96 7.66
C PRO A 43 -6.12 -2.85 8.44
N LEU A 44 -6.87 -1.89 8.91
CA LEU A 44 -6.27 -0.78 9.69
C LEU A 44 -7.21 -0.36 10.83
N ILE A 45 -7.55 0.89 10.93
CA ILE A 45 -8.45 1.33 12.03
C ILE A 45 -9.91 1.25 11.57
N ARG A 46 -10.83 1.12 12.49
CA ARG A 46 -12.26 1.03 12.10
C ARG A 46 -13.05 2.17 12.75
ZN ZN B . 1.45 1.57 3.76
N GLY A 1 0.78 19.50 -0.53
CA GLY A 1 1.65 19.13 -1.68
C GLY A 1 1.17 17.80 -2.26
N SER A 2 1.10 16.77 -1.46
CA SER A 2 0.64 15.45 -1.96
C SER A 2 1.37 15.10 -3.28
N GLU A 3 2.53 15.65 -3.49
CA GLU A 3 3.28 15.34 -4.74
C GLU A 3 3.39 13.82 -4.94
N ALA A 4 4.05 13.17 -4.04
CA ALA A 4 4.21 11.68 -4.16
C ALA A 4 2.86 10.99 -3.95
N ARG A 5 2.76 9.73 -4.30
CA ARG A 5 1.48 9.00 -4.12
C ARG A 5 1.22 8.76 -2.63
N GLU A 6 0.01 8.40 -2.28
CA GLU A 6 -0.32 8.15 -0.86
C GLU A 6 -0.84 6.71 -0.67
N CYS A 7 -0.11 5.90 0.05
CA CYS A 7 -0.55 4.50 0.27
C CYS A 7 -2.02 4.46 0.71
N VAL A 8 -2.88 3.92 -0.11
CA VAL A 8 -4.32 3.85 0.27
C VAL A 8 -4.46 3.25 1.67
N ASN A 9 -3.47 2.53 2.13
CA ASN A 9 -3.55 1.90 3.47
C ASN A 9 -2.97 2.80 4.56
N CYS A 10 -1.71 3.14 4.49
CA CYS A 10 -1.12 3.98 5.57
C CYS A 10 -0.71 5.36 5.04
N GLY A 11 -0.96 5.65 3.79
CA GLY A 11 -0.61 7.00 3.24
C GLY A 11 0.90 7.13 3.05
N ALA A 12 1.61 6.07 3.29
CA ALA A 12 3.10 6.11 3.13
C ALA A 12 3.47 6.89 1.87
N THR A 13 4.21 7.94 2.01
CA THR A 13 4.62 8.74 0.82
C THR A 13 6.08 8.45 0.47
N ALA A 14 6.78 7.76 1.33
CA ALA A 14 8.21 7.44 1.05
C ALA A 14 8.39 5.91 0.93
N THR A 15 8.09 5.37 -0.22
CA THR A 15 8.26 3.90 -0.40
C THR A 15 9.21 3.61 -1.56
N PRO A 16 9.87 2.49 -1.46
CA PRO A 16 10.84 2.08 -2.51
C PRO A 16 10.10 1.63 -3.78
N LEU A 17 8.82 1.42 -3.68
CA LEU A 17 8.04 0.98 -4.87
C LEU A 17 6.54 0.99 -4.56
N TRP A 18 5.72 1.41 -5.48
CA TRP A 18 4.26 1.43 -5.22
C TRP A 18 3.58 0.19 -5.81
N ARG A 19 3.47 0.14 -7.11
CA ARG A 19 2.82 -1.04 -7.75
C ARG A 19 1.36 -1.14 -7.29
N ARG A 20 0.44 -1.21 -8.20
CA ARG A 20 -1.00 -1.30 -7.80
C ARG A 20 -1.42 -2.76 -7.63
N ASP A 21 -2.64 -2.99 -7.23
CA ASP A 21 -3.13 -4.39 -7.05
C ASP A 21 -4.37 -4.63 -7.89
N ARG A 22 -5.10 -5.67 -7.59
CA ARG A 22 -6.34 -5.97 -8.37
C ARG A 22 -7.29 -4.78 -8.36
N THR A 23 -7.26 -3.99 -7.33
CA THR A 23 -8.17 -2.82 -7.26
C THR A 23 -7.52 -1.58 -7.89
N GLY A 24 -6.22 -1.57 -8.01
CA GLY A 24 -5.53 -0.42 -8.62
C GLY A 24 -5.10 0.58 -7.55
N HIS A 25 -4.98 0.15 -6.33
CA HIS A 25 -4.54 1.07 -5.24
C HIS A 25 -3.03 1.30 -5.31
N TYR A 26 -2.49 2.04 -4.39
CA TYR A 26 -1.01 2.29 -4.41
C TYR A 26 -0.41 2.00 -3.04
N LEU A 27 -0.45 0.77 -2.60
CA LEU A 27 0.14 0.43 -1.28
C LEU A 27 1.63 0.77 -1.28
N CYS A 28 2.23 0.83 -0.12
CA CYS A 28 3.68 1.15 -0.04
C CYS A 28 4.50 -0.12 0.15
N ASN A 29 4.15 -1.18 -0.53
CA ASN A 29 4.91 -2.45 -0.38
C ASN A 29 4.71 -3.03 1.03
N ALA A 30 5.06 -2.28 2.04
CA ALA A 30 4.90 -2.78 3.43
C ALA A 30 3.44 -3.20 3.68
N CYS A 31 2.51 -2.42 3.20
CA CYS A 31 1.08 -2.78 3.41
C CYS A 31 0.67 -3.93 2.49
N GLY A 32 1.40 -4.12 1.41
CA GLY A 32 1.08 -5.22 0.47
C GLY A 32 1.73 -6.52 0.96
N LEU A 33 2.76 -6.40 1.75
CA LEU A 33 3.45 -7.63 2.26
C LEU A 33 2.42 -8.68 2.67
N TYR A 34 1.48 -8.31 3.51
CA TYR A 34 0.45 -9.30 3.94
C TYR A 34 -0.30 -9.84 2.73
N HIS A 35 -0.31 -9.12 1.65
CA HIS A 35 -1.03 -9.59 0.43
C HIS A 35 -0.24 -10.69 -0.28
N LYS A 36 1.06 -10.54 -0.34
CA LYS A 36 1.89 -11.58 -1.02
C LYS A 36 2.12 -12.77 -0.10
N MET A 37 1.94 -12.59 1.18
CA MET A 37 2.16 -13.72 2.13
C MET A 37 0.83 -14.44 2.40
N ASN A 38 -0.08 -13.78 3.05
CA ASN A 38 -1.40 -14.42 3.34
C ASN A 38 -2.26 -14.47 2.08
N GLY A 39 -2.05 -13.54 1.18
CA GLY A 39 -2.84 -13.54 -0.08
C GLY A 39 -4.00 -12.54 0.05
N GLN A 40 -4.68 -12.54 1.16
CA GLN A 40 -5.82 -11.60 1.34
C GLN A 40 -5.29 -10.18 1.61
N ASN A 41 -6.16 -9.24 1.85
CA ASN A 41 -5.70 -7.85 2.13
C ASN A 41 -5.52 -7.64 3.62
N ARG A 42 -5.11 -6.47 4.02
CA ARG A 42 -4.91 -6.19 5.48
C ARG A 42 -6.14 -5.49 6.06
N PRO A 43 -6.28 -5.60 7.36
CA PRO A 43 -7.41 -4.96 8.05
C PRO A 43 -7.23 -3.44 8.11
N LEU A 44 -6.42 -2.97 9.01
CA LEU A 44 -6.20 -1.50 9.11
C LEU A 44 -7.53 -0.77 9.35
N ILE A 45 -8.24 -0.46 8.29
CA ILE A 45 -9.53 0.24 8.46
C ILE A 45 -10.49 -0.15 7.32
N ARG A 46 -11.76 -0.13 7.57
CA ARG A 46 -12.74 -0.49 6.51
C ARG A 46 -12.43 0.25 5.21
ZN ZN B . 1.37 1.59 3.42
N GLY A 1 0.71 18.54 -8.52
CA GLY A 1 2.06 18.26 -7.96
C GLY A 1 1.94 17.23 -6.83
N SER A 2 2.08 15.97 -7.15
CA SER A 2 1.97 14.92 -6.10
C SER A 2 2.86 13.73 -6.46
N GLU A 3 4.15 13.92 -6.49
CA GLU A 3 5.07 12.79 -6.82
C GLU A 3 4.77 11.58 -5.93
N ALA A 4 5.25 11.59 -4.72
CA ALA A 4 5.00 10.44 -3.81
C ALA A 4 3.50 10.18 -3.68
N ARG A 5 3.05 9.01 -4.03
CA ARG A 5 1.60 8.70 -3.92
C ARG A 5 1.20 8.55 -2.45
N GLU A 6 -0.03 8.16 -2.20
CA GLU A 6 -0.48 7.99 -0.79
C GLU A 6 -0.99 6.57 -0.57
N CYS A 7 -0.30 5.79 0.22
CA CYS A 7 -0.73 4.39 0.46
C CYS A 7 -2.20 4.35 0.87
N VAL A 8 -3.03 3.78 0.04
CA VAL A 8 -4.49 3.69 0.38
C VAL A 8 -4.68 3.09 1.77
N ASN A 9 -3.67 2.43 2.30
CA ASN A 9 -3.82 1.80 3.64
C ASN A 9 -3.25 2.68 4.76
N CYS A 10 -2.01 3.04 4.69
CA CYS A 10 -1.42 3.86 5.80
C CYS A 10 -0.97 5.25 5.30
N GLY A 11 -1.15 5.55 4.05
CA GLY A 11 -0.76 6.89 3.53
C GLY A 11 0.76 7.01 3.42
N ALA A 12 1.44 5.92 3.56
CA ALA A 12 2.94 5.95 3.49
C ALA A 12 3.39 6.69 2.22
N THR A 13 3.92 7.86 2.38
CA THR A 13 4.39 8.64 1.19
C THR A 13 5.91 8.59 1.08
N ALA A 14 6.52 7.57 1.64
CA ALA A 14 8.01 7.46 1.57
C ALA A 14 8.40 6.03 1.16
N THR A 15 7.61 5.39 0.35
CA THR A 15 7.94 4.00 -0.08
C THR A 15 8.79 4.04 -1.35
N PRO A 16 9.55 3.00 -1.53
CA PRO A 16 10.44 2.89 -2.72
C PRO A 16 9.61 2.65 -3.99
N LEU A 17 8.79 1.64 -4.00
CA LEU A 17 7.96 1.36 -5.21
C LEU A 17 6.47 1.31 -4.83
N TRP A 18 5.62 1.78 -5.70
CA TRP A 18 4.16 1.77 -5.39
C TRP A 18 3.47 0.60 -6.11
N ARG A 19 3.20 0.75 -7.38
CA ARG A 19 2.51 -0.33 -8.13
C ARG A 19 1.06 -0.46 -7.66
N ARG A 20 0.16 -0.84 -8.54
CA ARG A 20 -1.26 -0.97 -8.12
C ARG A 20 -1.63 -2.43 -7.91
N ASP A 21 -2.86 -2.69 -7.57
CA ASP A 21 -3.29 -4.10 -7.35
C ASP A 21 -4.53 -4.40 -8.19
N ARG A 22 -5.26 -5.43 -7.84
CA ARG A 22 -6.47 -5.78 -8.64
C ARG A 22 -7.44 -4.60 -8.70
N THR A 23 -7.48 -3.79 -7.67
CA THR A 23 -8.42 -2.64 -7.68
C THR A 23 -7.73 -1.40 -8.28
N GLY A 24 -6.52 -1.13 -7.89
CA GLY A 24 -5.81 0.04 -8.45
C GLY A 24 -5.34 0.95 -7.31
N HIS A 25 -5.16 0.42 -6.14
CA HIS A 25 -4.70 1.27 -5.00
C HIS A 25 -3.17 1.41 -5.06
N TYR A 26 -2.61 2.26 -4.24
CA TYR A 26 -1.13 2.45 -4.26
C TYR A 26 -0.52 2.15 -2.89
N LEU A 27 -0.62 0.93 -2.42
CA LEU A 27 -0.03 0.61 -1.10
C LEU A 27 1.44 1.05 -1.04
N CYS A 28 2.06 0.98 0.10
CA CYS A 28 3.48 1.39 0.21
C CYS A 28 4.39 0.17 0.34
N ASN A 29 4.11 -0.87 -0.39
CA ASN A 29 4.96 -2.10 -0.30
C ASN A 29 4.81 -2.76 1.07
N ALA A 30 5.09 -2.04 2.12
CA ALA A 30 4.96 -2.64 3.49
C ALA A 30 3.54 -3.15 3.71
N CYS A 31 2.55 -2.37 3.36
CA CYS A 31 1.15 -2.81 3.55
C CYS A 31 0.82 -3.97 2.61
N GLY A 32 1.58 -4.12 1.57
CA GLY A 32 1.32 -5.23 0.61
C GLY A 32 1.94 -6.53 1.14
N LEU A 33 2.82 -6.44 2.09
CA LEU A 33 3.45 -7.68 2.64
C LEU A 33 2.37 -8.73 2.93
N TYR A 34 1.26 -8.32 3.46
CA TYR A 34 0.17 -9.29 3.76
C TYR A 34 -0.30 -9.98 2.47
N HIS A 35 -0.37 -9.23 1.39
CA HIS A 35 -0.82 -9.84 0.11
C HIS A 35 0.27 -10.74 -0.48
N LYS A 36 1.51 -10.49 -0.14
CA LYS A 36 2.62 -11.32 -0.70
C LYS A 36 2.73 -12.64 0.07
N MET A 37 2.54 -12.60 1.37
CA MET A 37 2.66 -13.86 2.17
C MET A 37 1.28 -14.52 2.33
N ASN A 38 0.41 -13.91 3.08
CA ASN A 38 -0.94 -14.49 3.29
C ASN A 38 -1.77 -14.40 2.00
N GLY A 39 -1.52 -13.40 1.20
CA GLY A 39 -2.29 -13.27 -0.07
C GLY A 39 -3.45 -12.31 0.13
N GLN A 40 -4.09 -12.35 1.27
CA GLN A 40 -5.24 -11.43 1.52
C GLN A 40 -4.73 -10.00 1.75
N ASN A 41 -5.61 -9.07 1.95
CA ASN A 41 -5.17 -7.66 2.19
C ASN A 41 -5.25 -7.32 3.67
N ARG A 42 -4.72 -6.20 4.06
CA ARG A 42 -4.77 -5.81 5.50
C ARG A 42 -6.18 -5.35 5.88
N PRO A 43 -6.53 -5.55 7.12
CA PRO A 43 -7.86 -5.15 7.62
C PRO A 43 -7.98 -3.63 7.66
N LEU A 44 -7.61 -3.03 8.76
CA LEU A 44 -7.72 -1.54 8.87
C LEU A 44 -9.15 -1.09 8.56
N ILE A 45 -9.37 0.19 8.47
CA ILE A 45 -10.74 0.69 8.18
C ILE A 45 -10.96 0.80 6.66
N ARG A 46 -10.13 1.53 5.99
CA ARG A 46 -10.29 1.68 4.51
C ARG A 46 -10.22 0.31 3.83
ZN ZN B . 1.18 1.55 3.68
N GLY A 1 -0.21 12.55 -2.44
CA GLY A 1 -0.34 14.04 -2.63
C GLY A 1 -0.11 14.38 -4.10
N SER A 2 0.99 15.02 -4.40
CA SER A 2 1.26 15.40 -5.82
C SER A 2 2.32 14.46 -6.41
N GLU A 3 3.57 14.75 -6.17
CA GLU A 3 4.65 13.88 -6.72
C GLU A 3 4.41 12.42 -6.32
N ALA A 4 4.86 12.04 -5.16
CA ALA A 4 4.67 10.62 -4.71
C ALA A 4 3.18 10.30 -4.62
N ARG A 5 2.85 9.20 -3.99
CA ARG A 5 1.41 8.82 -3.85
C ARG A 5 1.05 8.63 -2.38
N GLU A 6 -0.16 8.25 -2.10
CA GLU A 6 -0.58 8.04 -0.68
C GLU A 6 -1.02 6.59 -0.48
N CYS A 7 -0.25 5.81 0.22
CA CYS A 7 -0.65 4.40 0.46
C CYS A 7 -2.10 4.32 0.91
N VAL A 8 -2.96 3.77 0.08
CA VAL A 8 -4.39 3.67 0.47
C VAL A 8 -4.54 3.03 1.85
N ASN A 9 -3.52 2.35 2.31
CA ASN A 9 -3.60 1.70 3.64
C ASN A 9 -3.09 2.62 4.76
N CYS A 10 -1.86 3.05 4.69
CA CYS A 10 -1.32 3.91 5.76
C CYS A 10 -0.90 5.29 5.24
N GLY A 11 -1.06 5.56 3.98
CA GLY A 11 -0.70 6.90 3.43
C GLY A 11 0.82 7.05 3.28
N ALA A 12 1.54 5.99 3.50
CA ALA A 12 3.03 6.06 3.38
C ALA A 12 3.42 6.69 2.04
N THR A 13 3.97 7.87 2.08
CA THR A 13 4.38 8.54 0.81
C THR A 13 5.90 8.48 0.64
N ALA A 14 6.56 7.64 1.39
CA ALA A 14 8.04 7.55 1.27
C ALA A 14 8.45 6.14 0.80
N THR A 15 7.51 5.32 0.45
CA THR A 15 7.84 3.95 -0.02
C THR A 15 8.89 4.01 -1.14
N PRO A 16 9.66 2.96 -1.24
CA PRO A 16 10.72 2.90 -2.28
C PRO A 16 10.09 2.68 -3.66
N LEU A 17 8.93 2.10 -3.70
CA LEU A 17 8.27 1.87 -5.02
C LEU A 17 6.79 1.52 -4.82
N TRP A 18 5.91 2.16 -5.54
CA TRP A 18 4.45 1.88 -5.37
C TRP A 18 4.05 0.66 -6.20
N ARG A 19 3.00 -0.02 -5.83
CA ARG A 19 2.55 -1.21 -6.59
C ARG A 19 1.04 -1.41 -6.40
N ARG A 20 0.28 -1.31 -7.46
CA ARG A 20 -1.19 -1.48 -7.33
C ARG A 20 -1.58 -2.95 -7.52
N ASP A 21 -2.79 -3.29 -7.16
CA ASP A 21 -3.25 -4.70 -7.30
C ASP A 21 -4.64 -4.75 -7.95
N ARG A 22 -5.39 -5.80 -7.73
CA ARG A 22 -6.75 -5.89 -8.34
C ARG A 22 -7.53 -4.61 -8.05
N THR A 23 -7.24 -3.96 -6.96
CA THR A 23 -7.98 -2.71 -6.62
C THR A 23 -7.27 -1.50 -7.24
N GLY A 24 -6.17 -1.72 -7.91
CA GLY A 24 -5.44 -0.58 -8.53
C GLY A 24 -5.08 0.46 -7.47
N HIS A 25 -4.86 0.03 -6.26
CA HIS A 25 -4.48 1.00 -5.19
C HIS A 25 -2.98 1.24 -5.20
N TYR A 26 -2.45 1.90 -4.20
CA TYR A 26 -0.98 2.17 -4.17
C TYR A 26 -0.40 1.87 -2.79
N LEU A 27 -0.43 0.63 -2.36
CA LEU A 27 0.16 0.31 -1.02
C LEU A 27 1.62 0.75 -0.99
N CYS A 28 2.21 0.80 0.17
CA CYS A 28 3.63 1.23 0.26
C CYS A 28 4.54 0.01 0.48
N ASN A 29 4.33 -1.05 -0.25
CA ASN A 29 5.18 -2.26 -0.08
C ASN A 29 4.93 -2.90 1.29
N ALA A 30 5.14 -2.17 2.35
CA ALA A 30 4.92 -2.73 3.71
C ALA A 30 3.47 -3.20 3.88
N CYS A 31 2.55 -2.40 3.43
CA CYS A 31 1.10 -2.79 3.57
C CYS A 31 0.76 -3.90 2.57
N GLY A 32 1.31 -3.85 1.40
CA GLY A 32 1.01 -4.90 0.39
C GLY A 32 1.73 -6.21 0.76
N LEU A 33 2.71 -6.12 1.61
CA LEU A 33 3.46 -7.36 2.00
C LEU A 33 2.47 -8.49 2.30
N TYR A 34 1.47 -8.22 3.09
CA TYR A 34 0.47 -9.29 3.41
C TYR A 34 -0.18 -9.81 2.13
N HIS A 35 -0.75 -8.95 1.35
CA HIS A 35 -1.41 -9.40 0.09
C HIS A 35 -0.42 -10.21 -0.76
N LYS A 36 0.84 -10.04 -0.54
CA LYS A 36 1.85 -10.81 -1.34
C LYS A 36 1.99 -12.24 -0.79
N MET A 37 2.15 -12.38 0.49
CA MET A 37 2.30 -13.74 1.08
C MET A 37 0.93 -14.30 1.47
N ASN A 38 0.25 -13.65 2.38
CA ASN A 38 -1.09 -14.15 2.82
C ASN A 38 -2.11 -13.98 1.69
N GLY A 39 -1.94 -12.97 0.87
CA GLY A 39 -2.90 -12.76 -0.25
C GLY A 39 -4.07 -11.90 0.23
N GLN A 40 -4.34 -11.91 1.51
CA GLN A 40 -5.47 -11.10 2.04
C GLN A 40 -5.06 -9.62 2.12
N ASN A 41 -5.97 -8.77 2.54
CA ASN A 41 -5.63 -7.32 2.64
C ASN A 41 -4.76 -7.08 3.88
N ARG A 42 -4.43 -5.84 4.14
CA ARG A 42 -3.59 -5.54 5.34
C ARG A 42 -4.46 -5.09 6.50
N PRO A 43 -4.09 -5.54 7.67
CA PRO A 43 -4.85 -5.18 8.90
C PRO A 43 -4.60 -3.73 9.28
N LEU A 44 -3.43 -3.42 9.77
CA LEU A 44 -3.11 -2.02 10.16
C LEU A 44 -3.91 -1.62 11.40
N ILE A 45 -3.50 -0.58 12.06
CA ILE A 45 -4.23 -0.13 13.27
C ILE A 45 -4.99 1.16 12.99
N ARG A 46 -4.33 2.13 12.40
CA ARG A 46 -5.02 3.42 12.09
C ARG A 46 -5.91 3.26 10.86
ZN ZN B . 1.31 1.58 3.69
N GLY A 1 -0.51 19.42 -2.87
CA GLY A 1 0.78 18.96 -3.47
C GLY A 1 0.70 17.46 -3.76
N SER A 2 0.68 16.64 -2.74
CA SER A 2 0.60 15.17 -2.97
C SER A 2 1.60 14.75 -4.04
N GLU A 3 2.78 15.32 -4.01
CA GLU A 3 3.81 14.95 -5.04
C GLU A 3 3.86 13.44 -5.23
N ALA A 4 4.30 12.72 -4.24
CA ALA A 4 4.38 11.24 -4.36
C ALA A 4 2.99 10.62 -4.16
N ARG A 5 2.89 9.32 -4.30
CA ARG A 5 1.56 8.65 -4.12
C ARG A 5 1.25 8.49 -2.64
N GLU A 6 0.05 8.07 -2.31
CA GLU A 6 -0.32 7.89 -0.88
C GLU A 6 -0.82 6.47 -0.64
N CYS A 7 -0.12 5.70 0.14
CA CYS A 7 -0.55 4.30 0.40
C CYS A 7 -2.04 4.24 0.74
N VAL A 8 -2.82 3.62 -0.10
CA VAL A 8 -4.27 3.52 0.18
C VAL A 8 -4.53 2.99 1.60
N ASN A 9 -3.53 2.39 2.21
CA ASN A 9 -3.74 1.83 3.58
C ASN A 9 -3.14 2.74 4.67
N CYS A 10 -1.87 3.07 4.60
CA CYS A 10 -1.29 3.89 5.69
C CYS A 10 -0.84 5.28 5.18
N GLY A 11 -1.09 5.60 3.94
CA GLY A 11 -0.71 6.95 3.41
C GLY A 11 0.81 7.02 3.21
N ALA A 12 1.49 5.95 3.44
CA ALA A 12 2.97 5.95 3.26
C ALA A 12 3.34 6.61 1.94
N THR A 13 3.96 7.77 1.98
CA THR A 13 4.34 8.45 0.73
C THR A 13 5.84 8.32 0.49
N ALA A 14 6.59 7.98 1.52
CA ALA A 14 8.05 7.82 1.35
C ALA A 14 8.39 6.36 1.04
N THR A 15 7.70 5.76 0.11
CA THR A 15 7.97 4.34 -0.23
C THR A 15 8.76 4.25 -1.54
N PRO A 16 9.50 3.19 -1.67
CA PRO A 16 10.31 2.98 -2.90
C PRO A 16 9.40 2.63 -4.09
N LEU A 17 9.05 1.38 -4.23
CA LEU A 17 8.18 0.99 -5.37
C LEU A 17 6.71 0.93 -4.92
N TRP A 18 5.81 1.44 -5.72
CA TRP A 18 4.37 1.42 -5.35
C TRP A 18 3.69 0.20 -5.96
N ARG A 19 3.61 0.15 -7.26
CA ARG A 19 2.96 -1.01 -7.94
C ARG A 19 1.49 -1.13 -7.49
N ARG A 20 0.58 -1.24 -8.42
CA ARG A 20 -0.86 -1.34 -8.05
C ARG A 20 -1.25 -2.81 -7.85
N ASP A 21 -2.38 -3.05 -7.24
CA ASP A 21 -2.82 -4.45 -7.01
C ASP A 21 -4.18 -4.69 -7.69
N ARG A 22 -4.89 -5.70 -7.25
CA ARG A 22 -6.22 -5.99 -7.87
C ARG A 22 -7.10 -4.75 -7.86
N THR A 23 -7.08 -4.00 -6.78
CA THR A 23 -7.93 -2.78 -6.71
C THR A 23 -7.17 -1.57 -7.26
N GLY A 24 -6.10 -1.80 -7.94
CA GLY A 24 -5.32 -0.67 -8.52
C GLY A 24 -4.88 0.30 -7.41
N HIS A 25 -4.92 -0.13 -6.18
CA HIS A 25 -4.50 0.78 -5.07
C HIS A 25 -2.99 1.02 -5.13
N TYR A 26 -2.45 1.77 -4.22
CA TYR A 26 -0.98 2.03 -4.24
C TYR A 26 -0.36 1.80 -2.88
N LEU A 27 -0.35 0.58 -2.40
CA LEU A 27 0.26 0.31 -1.06
C LEU A 27 1.71 0.80 -1.04
N CYS A 28 2.31 0.87 0.11
CA CYS A 28 3.72 1.35 0.19
C CYS A 28 4.66 0.15 0.39
N ASN A 29 4.49 -0.89 -0.39
CA ASN A 29 5.38 -2.08 -0.24
C ASN A 29 5.13 -2.77 1.09
N ALA A 30 5.41 -2.11 2.19
CA ALA A 30 5.18 -2.74 3.52
C ALA A 30 3.76 -3.27 3.64
N CYS A 31 2.79 -2.41 3.45
CA CYS A 31 1.37 -2.85 3.55
C CYS A 31 1.07 -3.96 2.55
N GLY A 32 1.51 -3.80 1.33
CA GLY A 32 1.25 -4.85 0.30
C GLY A 32 1.93 -6.15 0.71
N LEU A 33 2.89 -6.10 1.59
CA LEU A 33 3.59 -7.33 2.03
C LEU A 33 2.57 -8.40 2.44
N TYR A 34 1.77 -8.10 3.43
CA TYR A 34 0.77 -9.10 3.89
C TYR A 34 -0.03 -9.65 2.70
N HIS A 35 -0.52 -8.79 1.86
CA HIS A 35 -1.31 -9.26 0.69
C HIS A 35 -0.53 -10.31 -0.10
N LYS A 36 0.76 -10.20 -0.15
CA LYS A 36 1.58 -11.20 -0.90
C LYS A 36 1.60 -12.55 -0.17
N MET A 37 1.35 -12.53 1.12
CA MET A 37 1.35 -13.81 1.88
C MET A 37 0.00 -14.51 1.76
N ASN A 38 -0.99 -14.04 2.48
CA ASN A 38 -2.33 -14.68 2.42
C ASN A 38 -3.00 -14.39 1.07
N GLY A 39 -2.72 -13.26 0.50
CA GLY A 39 -3.33 -12.90 -0.81
C GLY A 39 -4.45 -11.88 -0.59
N GLN A 40 -5.13 -11.95 0.53
CA GLN A 40 -6.22 -10.97 0.78
C GLN A 40 -5.64 -9.62 1.18
N ASN A 41 -6.49 -8.65 1.41
CA ASN A 41 -5.98 -7.30 1.80
C ASN A 41 -5.91 -7.19 3.32
N ARG A 42 -5.21 -6.20 3.82
CA ARG A 42 -5.10 -6.04 5.29
C ARG A 42 -6.41 -5.49 5.87
N PRO A 43 -6.54 -5.58 7.16
CA PRO A 43 -7.77 -5.09 7.85
C PRO A 43 -7.82 -3.56 7.84
N LEU A 44 -7.28 -2.94 8.85
CA LEU A 44 -7.31 -1.44 8.89
C LEU A 44 -8.74 -0.94 8.73
N ILE A 45 -8.93 0.35 8.78
CA ILE A 45 -10.30 0.91 8.63
C ILE A 45 -10.59 1.20 7.16
N ARG A 46 -10.64 0.19 6.33
CA ARG A 46 -10.92 0.42 4.89
C ARG A 46 -11.36 -0.89 4.23
ZN ZN B . 1.41 1.55 3.66
N GLY A 1 1.85 18.40 1.52
CA GLY A 1 2.97 17.82 0.72
C GLY A 1 2.59 16.42 0.26
N SER A 2 1.78 16.31 -0.75
CA SER A 2 1.37 14.96 -1.25
C SER A 2 1.91 14.72 -2.66
N GLU A 3 3.01 15.35 -3.00
CA GLU A 3 3.59 15.17 -4.36
C GLU A 3 3.63 13.68 -4.72
N ALA A 4 4.19 12.88 -3.86
CA ALA A 4 4.26 11.41 -4.15
C ALA A 4 2.89 10.76 -4.00
N ARG A 5 2.80 9.48 -4.24
CA ARG A 5 1.49 8.79 -4.11
C ARG A 5 1.12 8.60 -2.63
N GLU A 6 -0.05 8.07 -2.37
CA GLU A 6 -0.46 7.87 -0.95
C GLU A 6 -0.95 6.43 -0.76
N CYS A 7 -0.22 5.64 -0.02
CA CYS A 7 -0.64 4.23 0.20
C CYS A 7 -2.11 4.18 0.63
N VAL A 8 -2.96 3.67 -0.20
CA VAL A 8 -4.41 3.58 0.17
C VAL A 8 -4.57 2.90 1.53
N ASN A 9 -3.56 2.20 1.99
CA ASN A 9 -3.68 1.50 3.30
C ASN A 9 -3.10 2.34 4.44
N CYS A 10 -1.86 2.77 4.36
CA CYS A 10 -1.29 3.55 5.47
C CYS A 10 -0.84 4.95 5.03
N GLY A 11 -1.04 5.31 3.79
CA GLY A 11 -0.66 6.68 3.32
C GLY A 11 0.86 6.80 3.14
N ALA A 12 1.56 5.71 3.26
CA ALA A 12 3.03 5.75 3.10
C ALA A 12 3.42 6.54 1.85
N THR A 13 4.02 7.69 2.01
CA THR A 13 4.39 8.50 0.82
C THR A 13 5.92 8.49 0.61
N ALA A 14 6.60 7.58 1.24
CA ALA A 14 8.09 7.53 1.07
C ALA A 14 8.52 6.15 0.55
N THR A 15 7.58 5.32 0.21
CA THR A 15 7.94 3.96 -0.30
C THR A 15 8.94 4.08 -1.45
N PRO A 16 9.75 3.06 -1.59
CA PRO A 16 10.78 3.04 -2.67
C PRO A 16 10.11 2.82 -4.03
N LEU A 17 9.25 1.84 -4.12
CA LEU A 17 8.57 1.56 -5.42
C LEU A 17 7.10 1.22 -5.17
N TRP A 18 6.20 2.03 -5.65
CA TRP A 18 4.75 1.75 -5.44
C TRP A 18 4.30 0.55 -6.26
N ARG A 19 3.22 -0.07 -5.88
CA ARG A 19 2.71 -1.25 -6.64
C ARG A 19 1.18 -1.28 -6.58
N ARG A 20 0.53 -1.22 -7.71
CA ARG A 20 -0.96 -1.22 -7.70
C ARG A 20 -1.49 -2.65 -7.77
N ASP A 21 -2.75 -2.83 -7.46
CA ASP A 21 -3.35 -4.18 -7.50
C ASP A 21 -4.63 -4.18 -8.35
N ARG A 22 -5.45 -5.17 -8.22
CA ARG A 22 -6.71 -5.22 -9.00
C ARG A 22 -7.55 -3.97 -8.77
N THR A 23 -7.41 -3.36 -7.63
CA THR A 23 -8.22 -2.15 -7.33
C THR A 23 -7.48 -0.89 -7.81
N GLY A 24 -6.36 -1.06 -8.47
CA GLY A 24 -5.60 0.11 -8.98
C GLY A 24 -5.11 0.97 -7.80
N HIS A 25 -5.09 0.42 -6.61
CA HIS A 25 -4.60 1.23 -5.45
C HIS A 25 -3.09 1.42 -5.55
N TYR A 26 -2.48 1.97 -4.53
CA TYR A 26 -1.02 2.19 -4.57
C TYR A 26 -0.39 1.89 -3.21
N LEU A 27 -0.38 0.65 -2.80
CA LEU A 27 0.21 0.31 -1.48
C LEU A 27 1.67 0.77 -1.43
N CYS A 28 2.27 0.76 -0.28
CA CYS A 28 3.69 1.21 -0.17
C CYS A 28 4.61 0.00 -0.06
N ASN A 29 4.31 -1.06 -0.77
CA ASN A 29 5.17 -2.28 -0.70
C ASN A 29 5.07 -2.95 0.68
N ALA A 30 5.32 -2.22 1.73
CA ALA A 30 5.24 -2.82 3.09
C ALA A 30 3.82 -3.27 3.41
N CYS A 31 2.83 -2.64 2.85
CA CYS A 31 1.43 -3.06 3.15
C CYS A 31 1.04 -4.29 2.33
N GLY A 32 1.44 -4.34 1.09
CA GLY A 32 1.09 -5.51 0.25
C GLY A 32 1.67 -6.79 0.88
N LEU A 33 2.68 -6.64 1.68
CA LEU A 33 3.29 -7.84 2.35
C LEU A 33 2.20 -8.79 2.84
N TYR A 34 1.26 -8.28 3.57
CA TYR A 34 0.16 -9.16 4.09
C TYR A 34 -0.46 -9.95 2.94
N HIS A 35 -0.77 -9.31 1.85
CA HIS A 35 -1.38 -10.02 0.70
C HIS A 35 -0.37 -10.99 0.09
N LYS A 36 0.89 -10.75 0.29
CA LYS A 36 1.93 -11.65 -0.28
C LYS A 36 2.07 -12.92 0.57
N MET A 37 2.20 -12.76 1.86
CA MET A 37 2.33 -13.96 2.74
C MET A 37 0.96 -14.40 3.25
N ASN A 38 0.26 -13.52 3.92
CA ASN A 38 -1.09 -13.89 4.45
C ASN A 38 -2.10 -14.02 3.30
N GLY A 39 -1.97 -13.21 2.29
CA GLY A 39 -2.90 -13.28 1.15
C GLY A 39 -4.12 -12.40 1.41
N GLN A 40 -4.53 -12.28 2.65
CA GLN A 40 -5.71 -11.43 2.97
C GLN A 40 -5.32 -9.95 2.98
N ASN A 41 -6.14 -9.11 3.54
CA ASN A 41 -5.82 -7.66 3.60
C ASN A 41 -5.39 -7.26 5.01
N ARG A 42 -5.05 -6.02 5.21
CA ARG A 42 -4.62 -5.56 6.55
C ARG A 42 -5.72 -4.70 7.20
N PRO A 43 -5.60 -4.51 8.48
CA PRO A 43 -6.59 -3.70 9.23
C PRO A 43 -6.42 -2.21 8.90
N LEU A 44 -5.59 -1.52 9.62
CA LEU A 44 -5.39 -0.07 9.35
C LEU A 44 -6.75 0.65 9.26
N ILE A 45 -6.75 1.89 8.86
CA ILE A 45 -8.03 2.63 8.76
C ILE A 45 -8.18 3.27 7.37
N ARG A 46 -9.34 3.22 6.81
CA ARG A 46 -9.55 3.80 5.45
C ARG A 46 -9.96 5.28 5.58
ZN ZN B . 1.34 1.29 3.28
N GLY A 1 -0.67 12.77 -0.84
CA GLY A 1 -0.10 14.14 -0.67
C GLY A 1 -0.19 14.91 -1.99
N SER A 2 0.89 14.98 -2.72
CA SER A 2 0.87 15.72 -4.01
C SER A 2 1.66 14.95 -5.08
N GLU A 3 2.94 15.16 -5.15
CA GLU A 3 3.77 14.45 -6.16
C GLU A 3 3.73 12.95 -5.92
N ALA A 4 4.23 12.51 -4.79
CA ALA A 4 4.25 11.06 -4.49
C ALA A 4 2.82 10.55 -4.26
N ARG A 5 2.61 9.28 -4.40
CA ARG A 5 1.24 8.72 -4.19
C ARG A 5 0.96 8.56 -2.69
N GLU A 6 -0.17 8.01 -2.34
CA GLU A 6 -0.50 7.84 -0.91
C GLU A 6 -0.95 6.39 -0.64
N CYS A 7 -0.16 5.64 0.08
CA CYS A 7 -0.54 4.23 0.35
C CYS A 7 -1.97 4.14 0.88
N VAL A 8 -2.86 3.61 0.10
CA VAL A 8 -4.27 3.48 0.55
C VAL A 8 -4.32 2.82 1.92
N ASN A 9 -3.29 2.13 2.30
CA ASN A 9 -3.28 1.43 3.62
C ASN A 9 -2.73 2.33 4.74
N CYS A 10 -1.52 2.81 4.60
CA CYS A 10 -0.95 3.65 5.69
C CYS A 10 -0.60 5.07 5.19
N GLY A 11 -0.83 5.35 3.93
CA GLY A 11 -0.52 6.73 3.40
C GLY A 11 0.97 6.92 3.19
N ALA A 12 1.74 5.87 3.31
CA ALA A 12 3.21 5.99 3.11
C ALA A 12 3.52 6.73 1.81
N THR A 13 4.08 7.91 1.90
CA THR A 13 4.41 8.68 0.67
C THR A 13 5.91 8.64 0.39
N ALA A 14 6.69 8.12 1.30
CA ALA A 14 8.15 8.06 1.09
C ALA A 14 8.58 6.64 0.70
N THR A 15 7.71 5.89 0.07
CA THR A 15 8.07 4.51 -0.33
C THR A 15 9.09 4.54 -1.48
N PRO A 16 9.90 3.51 -1.54
CA PRO A 16 10.93 3.43 -2.61
C PRO A 16 10.28 3.12 -3.96
N LEU A 17 9.05 2.71 -3.95
CA LEU A 17 8.37 2.40 -5.24
C LEU A 17 6.88 2.10 -4.99
N TRP A 18 6.02 2.48 -5.89
CA TRP A 18 4.57 2.23 -5.70
C TRP A 18 4.15 0.99 -6.48
N ARG A 19 3.08 0.35 -6.06
CA ARG A 19 2.61 -0.87 -6.79
C ARG A 19 1.09 -0.98 -6.66
N ARG A 20 0.40 -1.16 -7.75
CA ARG A 20 -1.09 -1.27 -7.68
C ARG A 20 -1.52 -2.72 -7.50
N ASP A 21 -2.79 -2.93 -7.26
CA ASP A 21 -3.30 -4.31 -7.06
C ASP A 21 -4.60 -4.51 -7.85
N ARG A 22 -5.38 -5.49 -7.49
CA ARG A 22 -6.65 -5.74 -8.23
C ARG A 22 -7.49 -4.45 -8.28
N THR A 23 -7.42 -3.65 -7.26
CA THR A 23 -8.23 -2.40 -7.24
C THR A 23 -7.44 -1.24 -7.87
N GLY A 24 -6.18 -1.44 -8.13
CA GLY A 24 -5.37 -0.37 -8.76
C GLY A 24 -4.94 0.67 -7.71
N HIS A 25 -4.87 0.29 -6.47
CA HIS A 25 -4.45 1.25 -5.41
C HIS A 25 -2.93 1.49 -5.50
N TYR A 26 -2.34 2.04 -4.46
CA TYR A 26 -0.88 2.30 -4.50
C TYR A 26 -0.27 2.08 -3.11
N LEU A 27 -0.19 0.85 -2.66
CA LEU A 27 0.40 0.61 -1.31
C LEU A 27 1.84 1.13 -1.27
N CYS A 28 2.51 0.98 -0.16
CA CYS A 28 3.92 1.47 -0.07
C CYS A 28 4.91 0.30 -0.05
N ASN A 29 4.58 -0.78 0.61
CA ASN A 29 5.51 -1.94 0.66
C ASN A 29 5.07 -2.94 1.73
N ALA A 30 5.28 -2.62 2.97
CA ALA A 30 4.88 -3.55 4.07
C ALA A 30 3.37 -3.78 4.07
N CYS A 31 2.63 -2.88 3.48
CA CYS A 31 1.14 -3.05 3.45
C CYS A 31 0.73 -4.11 2.43
N GLY A 32 1.60 -4.41 1.50
CA GLY A 32 1.27 -5.44 0.48
C GLY A 32 1.74 -6.81 0.97
N LEU A 33 2.74 -6.84 1.82
CA LEU A 33 3.24 -8.14 2.34
C LEU A 33 2.09 -9.07 2.66
N TYR A 34 1.12 -8.61 3.41
CA TYR A 34 -0.04 -9.48 3.75
C TYR A 34 -0.60 -10.11 2.48
N HIS A 35 -0.79 -9.34 1.45
CA HIS A 35 -1.32 -9.90 0.18
C HIS A 35 -0.30 -10.86 -0.45
N LYS A 36 0.93 -10.80 -0.02
CA LYS A 36 1.96 -11.71 -0.60
C LYS A 36 1.84 -13.11 0.01
N MET A 37 1.76 -13.20 1.31
CA MET A 37 1.64 -14.54 1.96
C MET A 37 0.16 -14.91 2.15
N ASN A 38 -0.54 -14.15 2.93
CA ASN A 38 -1.99 -14.46 3.18
C ASN A 38 -2.81 -14.11 1.93
N GLY A 39 -2.45 -13.06 1.25
CA GLY A 39 -3.21 -12.67 0.03
C GLY A 39 -4.40 -11.78 0.42
N GLN A 40 -4.72 -11.71 1.68
CA GLN A 40 -5.87 -10.86 2.12
C GLN A 40 -5.44 -9.39 2.21
N ASN A 41 -6.28 -8.55 2.74
CA ASN A 41 -5.93 -7.11 2.87
C ASN A 41 -5.58 -6.78 4.33
N ARG A 42 -4.53 -6.05 4.56
CA ARG A 42 -4.15 -5.70 5.95
C ARG A 42 -5.28 -4.92 6.64
N PRO A 43 -5.26 -4.94 7.93
CA PRO A 43 -6.30 -4.23 8.73
C PRO A 43 -6.13 -2.71 8.60
N LEU A 44 -5.31 -2.12 9.44
CA LEU A 44 -5.11 -0.64 9.37
C LEU A 44 -6.47 0.07 9.40
N ILE A 45 -6.48 1.35 9.18
CA ILE A 45 -7.75 2.11 9.20
C ILE A 45 -8.18 2.46 7.77
N ARG A 46 -9.46 2.54 7.53
CA ARG A 46 -9.95 2.88 6.16
C ARG A 46 -9.45 4.27 5.76
ZN ZN B . 1.64 1.44 3.45
N GLY A 1 2.57 18.55 -8.58
CA GLY A 1 2.55 18.47 -7.10
C GLY A 1 2.22 17.04 -6.67
N SER A 2 2.13 16.80 -5.38
CA SER A 2 1.81 15.43 -4.89
C SER A 2 2.65 14.40 -5.66
N GLU A 3 3.93 14.64 -5.80
CA GLU A 3 4.79 13.67 -6.52
C GLU A 3 4.62 12.26 -5.93
N ALA A 4 4.87 12.12 -4.66
CA ALA A 4 4.73 10.78 -4.02
C ALA A 4 3.25 10.46 -3.77
N ARG A 5 2.80 9.30 -4.16
CA ARG A 5 1.38 8.94 -3.94
C ARG A 5 1.12 8.72 -2.44
N GLU A 6 -0.06 8.28 -2.10
CA GLU A 6 -0.37 8.02 -0.66
C GLU A 6 -0.91 6.61 -0.47
N CYS A 7 -0.21 5.79 0.28
CA CYS A 7 -0.67 4.40 0.49
C CYS A 7 -2.14 4.38 0.95
N VAL A 8 -3.01 3.89 0.11
CA VAL A 8 -4.44 3.82 0.50
C VAL A 8 -4.59 3.12 1.85
N ASN A 9 -3.60 2.38 2.26
CA ASN A 9 -3.68 1.66 3.56
C ASN A 9 -3.14 2.49 4.73
N CYS A 10 -1.89 2.89 4.68
CA CYS A 10 -1.33 3.67 5.81
C CYS A 10 -0.90 5.08 5.38
N GLY A 11 -1.06 5.43 4.13
CA GLY A 11 -0.70 6.80 3.67
C GLY A 11 0.81 6.94 3.52
N ALA A 12 1.54 5.86 3.62
CA ALA A 12 3.01 5.94 3.48
C ALA A 12 3.39 6.73 2.23
N THR A 13 3.98 7.88 2.41
CA THR A 13 4.36 8.70 1.22
C THR A 13 5.87 8.61 0.97
N ALA A 14 6.51 7.64 1.55
CA ALA A 14 7.99 7.49 1.33
C ALA A 14 8.32 6.07 0.84
N THR A 15 7.38 5.43 0.19
CA THR A 15 7.64 4.06 -0.31
C THR A 15 8.64 4.09 -1.47
N PRO A 16 9.35 3.00 -1.64
CA PRO A 16 10.35 2.90 -2.72
C PRO A 16 9.66 2.78 -4.09
N LEU A 17 8.77 1.84 -4.23
CA LEU A 17 8.06 1.67 -5.52
C LEU A 17 6.57 1.38 -5.27
N TRP A 18 5.72 2.29 -5.62
CA TRP A 18 4.26 2.09 -5.39
C TRP A 18 3.75 0.87 -6.18
N ARG A 19 3.55 1.01 -7.45
CA ARG A 19 3.04 -0.13 -8.26
C ARG A 19 1.60 -0.46 -7.83
N ARG A 20 0.70 -0.54 -8.77
CA ARG A 20 -0.71 -0.85 -8.41
C ARG A 20 -0.94 -2.36 -8.41
N ASP A 21 -2.06 -2.80 -7.90
CA ASP A 21 -2.36 -4.25 -7.85
C ASP A 21 -3.73 -4.52 -8.47
N ARG A 22 -4.45 -5.50 -7.99
CA ARG A 22 -5.78 -5.79 -8.56
C ARG A 22 -6.82 -4.82 -7.99
N THR A 23 -6.49 -4.17 -6.91
CA THR A 23 -7.46 -3.21 -6.31
C THR A 23 -7.29 -1.82 -6.91
N GLY A 24 -6.29 -1.63 -7.72
CA GLY A 24 -6.06 -0.30 -8.35
C GLY A 24 -5.67 0.72 -7.28
N HIS A 25 -5.05 0.28 -6.22
CA HIS A 25 -4.63 1.24 -5.16
C HIS A 25 -3.12 1.46 -5.21
N TYR A 26 -2.59 2.23 -4.29
CA TYR A 26 -1.12 2.48 -4.30
C TYR A 26 -0.52 2.16 -2.93
N LEU A 27 -0.59 0.93 -2.50
CA LEU A 27 -0.01 0.57 -1.18
C LEU A 27 1.47 0.98 -1.13
N CYS A 28 2.09 0.89 0.01
CA CYS A 28 3.52 1.28 0.12
C CYS A 28 4.41 0.03 0.19
N ASN A 29 4.07 -0.99 -0.56
CA ASN A 29 4.88 -2.24 -0.54
C ASN A 29 4.74 -2.98 0.79
N ALA A 30 5.00 -2.33 1.88
CA ALA A 30 4.89 -3.00 3.21
C ALA A 30 3.44 -3.43 3.49
N CYS A 31 2.50 -2.60 3.17
CA CYS A 31 1.07 -2.96 3.43
C CYS A 31 0.64 -4.14 2.57
N GLY A 32 1.18 -4.26 1.39
CA GLY A 32 0.79 -5.39 0.50
C GLY A 32 1.50 -6.67 0.94
N LEU A 33 2.65 -6.53 1.56
CA LEU A 33 3.39 -7.75 2.02
C LEU A 33 2.42 -8.76 2.64
N TYR A 34 1.46 -8.29 3.38
CA TYR A 34 0.48 -9.22 4.01
C TYR A 34 -0.32 -9.96 2.94
N HIS A 35 -0.86 -9.24 2.00
CA HIS A 35 -1.65 -9.90 0.92
C HIS A 35 -0.75 -10.75 0.03
N LYS A 36 0.54 -10.53 0.09
CA LYS A 36 1.47 -11.32 -0.77
C LYS A 36 1.70 -12.71 -0.15
N MET A 37 1.94 -12.77 1.13
CA MET A 37 2.18 -14.10 1.77
C MET A 37 0.88 -14.62 2.38
N ASN A 38 0.28 -13.88 3.25
CA ASN A 38 -0.99 -14.34 3.88
C ASN A 38 -2.13 -14.28 2.87
N GLY A 39 -2.11 -13.32 2.00
CA GLY A 39 -3.19 -13.19 0.99
C GLY A 39 -4.35 -12.38 1.57
N GLN A 40 -4.45 -12.30 2.86
CA GLN A 40 -5.56 -11.53 3.48
C GLN A 40 -5.24 -10.04 3.45
N ASN A 41 -6.16 -9.21 3.86
CA ASN A 41 -5.91 -7.74 3.87
C ASN A 41 -4.95 -7.38 5.01
N ARG A 42 -4.87 -6.12 5.34
CA ARG A 42 -3.96 -5.70 6.45
C ARG A 42 -4.78 -5.26 7.66
N PRO A 43 -4.14 -5.26 8.80
CA PRO A 43 -4.82 -4.86 10.04
C PRO A 43 -5.06 -3.35 10.05
N LEU A 44 -4.10 -2.58 10.48
CA LEU A 44 -4.28 -1.10 10.51
C LEU A 44 -5.52 -0.74 11.33
N ILE A 45 -5.69 0.51 11.65
CA ILE A 45 -6.87 0.92 12.45
C ILE A 45 -8.02 1.36 11.52
N ARG A 46 -9.18 0.78 11.68
CA ARG A 46 -10.32 1.16 10.81
C ARG A 46 -11.45 1.77 11.66
ZN ZN B . 1.22 1.41 3.59
N GLY A 1 2.37 18.38 -0.45
CA GLY A 1 1.37 17.68 0.40
C GLY A 1 1.03 16.33 -0.22
N SER A 2 0.15 16.32 -1.19
CA SER A 2 -0.22 15.03 -1.83
C SER A 2 0.56 14.83 -3.13
N GLU A 3 1.63 15.55 -3.31
CA GLU A 3 2.44 15.40 -4.55
C GLU A 3 2.64 13.92 -4.87
N ALA A 4 3.41 13.24 -4.08
CA ALA A 4 3.66 11.79 -4.33
C ALA A 4 2.37 11.00 -4.08
N ARG A 5 2.35 9.75 -4.46
CA ARG A 5 1.13 8.91 -4.24
C ARG A 5 0.97 8.60 -2.75
N GLU A 6 -0.21 8.24 -2.34
CA GLU A 6 -0.43 7.91 -0.90
C GLU A 6 -0.80 6.44 -0.75
N CYS A 7 0.02 5.68 -0.07
CA CYS A 7 -0.28 4.23 0.11
C CYS A 7 -1.71 4.03 0.61
N VAL A 8 -2.54 3.43 -0.20
CA VAL A 8 -3.95 3.18 0.23
C VAL A 8 -3.98 2.50 1.61
N ASN A 9 -2.89 1.89 2.00
CA ASN A 9 -2.87 1.18 3.31
C ASN A 9 -2.38 2.10 4.44
N CYS A 10 -1.20 2.63 4.34
CA CYS A 10 -0.70 3.49 5.44
C CYS A 10 -0.46 4.94 4.98
N GLY A 11 -0.66 5.22 3.72
CA GLY A 11 -0.47 6.62 3.22
C GLY A 11 1.02 6.95 3.06
N ALA A 12 1.86 5.97 3.15
CA ALA A 12 3.32 6.22 3.00
C ALA A 12 3.58 7.03 1.72
N THR A 13 4.16 8.19 1.86
CA THR A 13 4.44 9.03 0.65
C THR A 13 5.93 8.98 0.31
N ALA A 14 6.73 8.47 1.21
CA ALA A 14 8.20 8.39 0.94
C ALA A 14 8.61 6.96 0.63
N THR A 15 7.70 6.16 0.12
CA THR A 15 8.05 4.75 -0.20
C THR A 15 8.98 4.71 -1.42
N PRO A 16 9.77 3.67 -1.49
CA PRO A 16 10.72 3.51 -2.62
C PRO A 16 9.97 3.21 -3.92
N LEU A 17 9.41 2.04 -4.05
CA LEU A 17 8.68 1.70 -5.30
C LEU A 17 7.21 1.36 -4.98
N TRP A 18 6.29 1.90 -5.74
CA TRP A 18 4.86 1.61 -5.48
C TRP A 18 4.42 0.33 -6.20
N ARG A 19 3.18 -0.05 -6.07
CA ARG A 19 2.69 -1.28 -6.75
C ARG A 19 1.17 -1.34 -6.66
N ARG A 20 0.50 -1.31 -7.79
CA ARG A 20 -0.99 -1.35 -7.76
C ARG A 20 -1.49 -2.80 -7.83
N ASP A 21 -2.72 -3.01 -7.46
CA ASP A 21 -3.29 -4.39 -7.49
C ASP A 21 -4.62 -4.39 -8.25
N ARG A 22 -5.43 -5.38 -8.04
CA ARG A 22 -6.75 -5.44 -8.75
C ARG A 22 -7.50 -4.11 -8.58
N THR A 23 -7.33 -3.47 -7.46
CA THR A 23 -8.06 -2.19 -7.23
C THR A 23 -7.23 -1.00 -7.75
N GLY A 24 -6.14 -1.28 -8.41
CA GLY A 24 -5.29 -0.19 -8.96
C GLY A 24 -4.84 0.75 -7.84
N HIS A 25 -4.76 0.27 -6.63
CA HIS A 25 -4.31 1.14 -5.50
C HIS A 25 -2.80 1.36 -5.60
N TYR A 26 -2.20 1.91 -4.58
CA TYR A 26 -0.73 2.16 -4.63
C TYR A 26 -0.07 1.87 -3.27
N LEU A 27 0.02 0.63 -2.88
CA LEU A 27 0.67 0.33 -1.56
C LEU A 27 2.10 0.88 -1.55
N CYS A 28 2.75 0.87 -0.42
CA CYS A 28 4.14 1.41 -0.38
C CYS A 28 5.16 0.26 -0.36
N ASN A 29 4.88 -0.81 0.34
CA ASN A 29 5.85 -1.95 0.37
C ASN A 29 5.36 -3.05 1.33
N ALA A 30 5.59 -2.88 2.60
CA ALA A 30 5.16 -3.91 3.58
C ALA A 30 3.63 -3.95 3.73
N CYS A 31 2.93 -3.09 3.06
CA CYS A 31 1.45 -3.10 3.18
C CYS A 31 0.85 -4.20 2.29
N GLY A 32 1.63 -4.71 1.37
CA GLY A 32 1.10 -5.78 0.48
C GLY A 32 1.58 -7.14 0.98
N LEU A 33 2.65 -7.17 1.72
CA LEU A 33 3.16 -8.48 2.25
C LEU A 33 2.00 -9.31 2.78
N TYR A 34 1.22 -8.77 3.67
CA TYR A 34 0.07 -9.54 4.23
C TYR A 34 -0.77 -10.11 3.10
N HIS A 35 -1.15 -9.30 2.15
CA HIS A 35 -1.98 -9.80 1.03
C HIS A 35 -1.18 -10.78 0.17
N LYS A 36 0.12 -10.68 0.18
CA LYS A 36 0.96 -11.61 -0.63
C LYS A 36 1.11 -12.95 0.09
N MET A 37 1.26 -12.94 1.37
CA MET A 37 1.41 -14.22 2.12
C MET A 37 0.08 -14.64 2.74
N ASN A 38 -0.48 -13.81 3.58
CA ASN A 38 -1.78 -14.16 4.22
C ASN A 38 -2.92 -14.10 3.20
N GLY A 39 -2.80 -13.23 2.23
CA GLY A 39 -3.88 -13.11 1.21
C GLY A 39 -4.93 -12.11 1.68
N GLN A 40 -5.11 -11.98 2.96
CA GLN A 40 -6.12 -11.01 3.48
C GLN A 40 -5.55 -9.59 3.45
N ASN A 41 -6.22 -8.66 4.09
CA ASN A 41 -5.72 -7.25 4.10
C ASN A 41 -5.03 -6.94 5.44
N ARG A 42 -4.17 -5.97 5.45
CA ARG A 42 -3.48 -5.62 6.72
C ARG A 42 -4.02 -4.31 7.28
N PRO A 43 -4.64 -4.40 8.43
CA PRO A 43 -5.23 -3.21 9.09
C PRO A 43 -4.11 -2.32 9.66
N LEU A 44 -4.46 -1.14 10.10
CA LEU A 44 -3.44 -0.23 10.68
C LEU A 44 -3.97 0.45 11.94
N ILE A 45 -3.24 1.38 12.48
CA ILE A 45 -3.71 2.09 13.70
C ILE A 45 -4.08 3.54 13.38
N ARG A 46 -5.34 3.88 13.48
CA ARG A 46 -5.76 5.28 13.17
C ARG A 46 -6.79 5.75 14.18
ZN ZN B . 1.91 1.42 3.14
N GLY A 1 4.47 19.13 -6.56
CA GLY A 1 3.28 19.01 -5.67
C GLY A 1 2.58 17.68 -5.93
N SER A 2 2.22 16.97 -4.89
CA SER A 2 1.54 15.65 -5.08
C SER A 2 2.41 14.74 -5.94
N GLU A 3 3.70 14.78 -5.75
CA GLU A 3 4.60 13.93 -6.57
C GLU A 3 4.39 12.45 -6.21
N ALA A 4 4.85 12.04 -5.06
CA ALA A 4 4.68 10.62 -4.66
C ALA A 4 3.20 10.27 -4.50
N ARG A 5 2.89 9.01 -4.32
CA ARG A 5 1.47 8.61 -4.16
C ARG A 5 1.12 8.51 -2.67
N GLU A 6 -0.04 8.01 -2.36
CA GLU A 6 -0.44 7.88 -0.93
C GLU A 6 -0.91 6.46 -0.65
N CYS A 7 -0.21 5.73 0.17
CA CYS A 7 -0.64 4.34 0.48
C CYS A 7 -2.11 4.31 0.89
N VAL A 8 -2.94 3.75 0.05
CA VAL A 8 -4.38 3.68 0.38
C VAL A 8 -4.58 3.10 1.79
N ASN A 9 -3.59 2.43 2.31
CA ASN A 9 -3.72 1.82 3.66
C ASN A 9 -3.17 2.73 4.76
N CYS A 10 -1.92 3.12 4.71
CA CYS A 10 -1.37 3.97 5.79
C CYS A 10 -0.91 5.34 5.27
N GLY A 11 -1.10 5.61 4.00
CA GLY A 11 -0.71 6.96 3.46
C GLY A 11 0.81 7.05 3.31
N ALA A 12 1.50 5.98 3.51
CA ALA A 12 3.00 6.01 3.38
C ALA A 12 3.39 6.63 2.05
N THR A 13 3.97 7.81 2.08
CA THR A 13 4.39 8.47 0.81
C THR A 13 5.90 8.38 0.62
N ALA A 14 6.57 7.63 1.44
CA ALA A 14 8.05 7.50 1.31
C ALA A 14 8.42 6.11 0.79
N THR A 15 7.45 5.35 0.37
CA THR A 15 7.75 3.99 -0.17
C THR A 15 8.76 4.08 -1.33
N PRO A 16 9.50 3.03 -1.50
CA PRO A 16 10.51 2.98 -2.58
C PRO A 16 9.83 2.77 -3.94
N LEU A 17 8.91 1.86 -4.01
CA LEU A 17 8.20 1.60 -5.30
C LEU A 17 6.71 1.38 -5.05
N TRP A 18 5.88 2.14 -5.70
CA TRP A 18 4.41 1.97 -5.50
C TRP A 18 3.90 0.79 -6.34
N ARG A 19 3.06 -0.03 -5.77
CA ARG A 19 2.52 -1.19 -6.54
C ARG A 19 0.99 -1.19 -6.47
N ARG A 20 0.33 -1.35 -7.59
CA ARG A 20 -1.15 -1.35 -7.58
C ARG A 20 -1.69 -2.76 -7.36
N ASP A 21 -2.95 -2.89 -7.10
CA ASP A 21 -3.53 -4.25 -6.87
C ASP A 21 -4.74 -4.48 -7.78
N ARG A 22 -5.53 -5.47 -7.47
CA ARG A 22 -6.72 -5.78 -8.32
C ARG A 22 -7.58 -4.52 -8.47
N THR A 23 -7.60 -3.67 -7.48
CA THR A 23 -8.43 -2.44 -7.57
C THR A 23 -7.62 -1.30 -8.20
N GLY A 24 -6.34 -1.25 -7.94
CA GLY A 24 -5.51 -0.18 -8.53
C GLY A 24 -5.02 0.78 -7.43
N HIS A 25 -5.07 0.37 -6.20
CA HIS A 25 -4.60 1.29 -5.11
C HIS A 25 -3.09 1.44 -5.19
N TYR A 26 -2.48 2.00 -4.18
CA TYR A 26 -1.00 2.21 -4.21
C TYR A 26 -0.39 1.98 -2.82
N LEU A 27 -0.41 0.77 -2.33
CA LEU A 27 0.17 0.51 -0.99
C LEU A 27 1.63 0.96 -0.94
N CYS A 28 2.23 0.93 0.22
CA CYS A 28 3.65 1.35 0.34
C CYS A 28 4.56 0.14 0.57
N ASN A 29 4.30 -0.95 -0.12
CA ASN A 29 5.14 -2.16 0.06
C ASN A 29 4.89 -2.78 1.44
N ALA A 30 5.21 -2.07 2.49
CA ALA A 30 5.00 -2.62 3.86
C ALA A 30 3.56 -3.09 4.04
N CYS A 31 2.62 -2.36 3.51
CA CYS A 31 1.19 -2.77 3.65
C CYS A 31 0.85 -3.89 2.66
N GLY A 32 1.66 -4.04 1.63
CA GLY A 32 1.38 -5.11 0.63
C GLY A 32 1.94 -6.43 1.14
N LEU A 33 2.81 -6.38 2.11
CA LEU A 33 3.40 -7.64 2.67
C LEU A 33 2.32 -8.71 2.80
N TYR A 34 1.17 -8.35 3.29
CA TYR A 34 0.07 -9.35 3.46
C TYR A 34 -0.30 -9.96 2.09
N HIS A 35 -0.46 -9.14 1.09
CA HIS A 35 -0.82 -9.67 -0.26
C HIS A 35 0.33 -10.49 -0.84
N LYS A 36 1.49 -10.41 -0.25
CA LYS A 36 2.66 -11.19 -0.78
C LYS A 36 2.58 -12.64 -0.29
N MET A 37 2.36 -12.85 0.98
CA MET A 37 2.29 -14.24 1.50
C MET A 37 0.84 -14.71 1.60
N ASN A 38 0.04 -14.02 2.36
CA ASN A 38 -1.38 -14.42 2.50
C ASN A 38 -2.14 -14.16 1.20
N GLY A 39 -1.75 -13.15 0.47
CA GLY A 39 -2.44 -12.84 -0.80
C GLY A 39 -3.63 -11.91 -0.55
N GLN A 40 -4.22 -11.99 0.62
CA GLN A 40 -5.37 -11.11 0.93
C GLN A 40 -4.89 -9.70 1.33
N ASN A 41 -5.79 -8.85 1.74
CA ASN A 41 -5.37 -7.48 2.14
C ASN A 41 -5.19 -7.40 3.67
N ARG A 42 -4.79 -6.26 4.17
CA ARG A 42 -4.59 -6.13 5.64
C ARG A 42 -5.84 -5.53 6.29
N PRO A 43 -5.93 -5.69 7.58
CA PRO A 43 -7.08 -5.17 8.35
C PRO A 43 -7.02 -3.63 8.45
N LEU A 44 -6.29 -3.11 9.40
CA LEU A 44 -6.20 -1.64 9.57
C LEU A 44 -7.58 -1.05 9.91
N ILE A 45 -7.71 0.24 9.89
CA ILE A 45 -9.02 0.87 10.21
C ILE A 45 -9.86 1.03 8.95
N ARG A 46 -11.15 0.76 9.04
CA ARG A 46 -12.02 0.88 7.85
C ARG A 46 -11.88 2.29 7.23
ZN ZN B . 1.32 1.63 3.78
N GLY A 1 2.69 20.03 -2.59
CA GLY A 1 2.20 19.28 -1.40
C GLY A 1 1.77 17.88 -1.83
N SER A 2 1.89 16.92 -0.96
CA SER A 2 1.48 15.53 -1.33
C SER A 2 2.10 15.13 -2.67
N GLU A 3 3.35 15.46 -2.88
CA GLU A 3 4.01 15.10 -4.17
C GLU A 3 3.82 13.61 -4.47
N ALA A 4 4.65 12.78 -3.89
CA ALA A 4 4.53 11.31 -4.14
C ALA A 4 3.08 10.85 -3.93
N ARG A 5 2.79 9.63 -4.24
CA ARG A 5 1.40 9.12 -4.04
C ARG A 5 1.13 8.87 -2.55
N GLU A 6 -0.03 8.34 -2.24
CA GLU A 6 -0.35 8.07 -0.80
C GLU A 6 -0.84 6.63 -0.65
N CYS A 7 -0.16 5.85 0.14
CA CYS A 7 -0.59 4.43 0.33
C CYS A 7 -2.08 4.36 0.68
N VAL A 8 -2.86 3.76 -0.18
CA VAL A 8 -4.32 3.65 0.10
C VAL A 8 -4.57 3.08 1.51
N ASN A 9 -3.58 2.49 2.11
CA ASN A 9 -3.79 1.90 3.47
C ASN A 9 -3.20 2.77 4.59
N CYS A 10 -1.94 3.08 4.54
CA CYS A 10 -1.34 3.88 5.65
C CYS A 10 -0.86 5.27 5.17
N GLY A 11 -1.06 5.59 3.92
CA GLY A 11 -0.64 6.94 3.43
C GLY A 11 0.88 7.02 3.25
N ALA A 12 1.55 5.92 3.43
CA ALA A 12 3.03 5.92 3.28
C ALA A 12 3.43 6.62 1.98
N THR A 13 4.07 7.75 2.08
CA THR A 13 4.48 8.49 0.84
C THR A 13 5.98 8.33 0.59
N ALA A 14 6.59 7.35 1.22
CA ALA A 14 8.05 7.14 1.01
C ALA A 14 8.35 5.66 0.78
N THR A 15 7.72 5.06 -0.20
CA THR A 15 7.97 3.61 -0.47
C THR A 15 8.69 3.44 -1.81
N PRO A 16 9.45 2.38 -1.89
CA PRO A 16 10.21 2.08 -3.13
C PRO A 16 9.27 1.58 -4.23
N LEU A 17 9.05 2.38 -5.24
CA LEU A 17 8.14 1.95 -6.35
C LEU A 17 6.75 1.61 -5.80
N TRP A 18 5.75 2.34 -6.20
CA TRP A 18 4.37 2.07 -5.69
C TRP A 18 3.79 0.82 -6.38
N ARG A 19 3.48 0.93 -7.64
CA ARG A 19 2.89 -0.24 -8.36
C ARG A 19 1.53 -0.60 -7.77
N ARG A 20 0.52 -0.67 -8.59
CA ARG A 20 -0.84 -1.00 -8.07
C ARG A 20 -1.09 -2.51 -8.14
N ASP A 21 -2.14 -2.97 -7.52
CA ASP A 21 -2.44 -4.43 -7.54
C ASP A 21 -3.70 -4.69 -8.38
N ARG A 22 -4.60 -5.52 -7.89
CA ARG A 22 -5.84 -5.81 -8.66
C ARG A 22 -6.84 -4.68 -8.49
N THR A 23 -6.79 -4.00 -7.37
CA THR A 23 -7.76 -2.89 -7.14
C THR A 23 -7.20 -1.58 -7.68
N GLY A 24 -5.98 -1.59 -8.16
CA GLY A 24 -5.39 -0.34 -8.71
C GLY A 24 -5.01 0.60 -7.56
N HIS A 25 -4.99 0.12 -6.35
CA HIS A 25 -4.62 1.01 -5.20
C HIS A 25 -3.12 1.31 -5.25
N TYR A 26 -2.60 1.98 -4.26
CA TYR A 26 -1.14 2.30 -4.28
C TYR A 26 -0.50 1.96 -2.92
N LEU A 27 -0.66 0.75 -2.46
CA LEU A 27 -0.04 0.39 -1.15
C LEU A 27 1.44 0.78 -1.15
N CYS A 28 2.06 0.80 0.00
CA CYS A 28 3.49 1.18 0.08
C CYS A 28 4.36 -0.09 0.24
N ASN A 29 3.98 -1.16 -0.41
CA ASN A 29 4.77 -2.42 -0.28
C ASN A 29 4.63 -3.00 1.13
N ALA A 30 4.99 -2.24 2.13
CA ALA A 30 4.87 -2.76 3.52
C ALA A 30 3.43 -3.19 3.81
N CYS A 31 2.48 -2.51 3.24
CA CYS A 31 1.05 -2.88 3.48
C CYS A 31 0.65 -4.07 2.62
N GLY A 32 1.29 -4.25 1.50
CA GLY A 32 0.94 -5.40 0.61
C GLY A 32 1.65 -6.66 1.11
N LEU A 33 2.70 -6.51 1.87
CA LEU A 33 3.44 -7.70 2.37
C LEU A 33 2.45 -8.77 2.86
N TYR A 34 1.59 -8.41 3.79
CA TYR A 34 0.60 -9.40 4.30
C TYR A 34 -0.19 -10.02 3.13
N HIS A 35 -0.71 -9.20 2.26
CA HIS A 35 -1.49 -9.73 1.12
C HIS A 35 -0.61 -10.63 0.24
N LYS A 36 0.68 -10.52 0.35
CA LYS A 36 1.58 -11.37 -0.47
C LYS A 36 1.70 -12.77 0.14
N MET A 37 1.98 -12.85 1.41
CA MET A 37 2.13 -14.18 2.06
C MET A 37 0.77 -14.67 2.57
N ASN A 38 0.17 -13.95 3.47
CA ASN A 38 -1.15 -14.37 4.02
C ASN A 38 -2.25 -14.21 2.96
N GLY A 39 -2.13 -13.24 2.11
CA GLY A 39 -3.16 -13.03 1.07
C GLY A 39 -4.30 -12.15 1.62
N GLN A 40 -4.48 -12.14 2.91
CA GLN A 40 -5.57 -11.30 3.49
C GLN A 40 -5.11 -9.84 3.59
N ASN A 41 -5.81 -9.04 4.35
CA ASN A 41 -5.42 -7.61 4.49
C ASN A 41 -4.65 -7.40 5.80
N ARG A 42 -4.17 -6.21 6.02
CA ARG A 42 -3.40 -5.95 7.28
C ARG A 42 -4.13 -4.88 8.11
N PRO A 43 -4.10 -5.07 9.40
CA PRO A 43 -4.75 -4.12 10.33
C PRO A 43 -3.98 -2.81 10.40
N LEU A 44 -4.53 -1.81 11.01
CA LEU A 44 -3.82 -0.50 11.12
C LEU A 44 -4.10 0.14 12.48
N ILE A 45 -3.72 1.38 12.65
CA ILE A 45 -3.96 2.06 13.95
C ILE A 45 -5.29 2.81 13.92
N ARG A 46 -6.11 2.61 14.91
CA ARG A 46 -7.43 3.32 14.94
C ARG A 46 -7.32 4.60 15.76
ZN ZN B . 1.20 1.50 3.53
N GLY A 1 0.70 20.03 -3.74
CA GLY A 1 1.97 19.26 -3.83
C GLY A 1 1.72 17.79 -3.51
N SER A 2 1.49 16.98 -4.51
CA SER A 2 1.23 15.53 -4.26
C SER A 2 2.03 14.68 -5.23
N GLU A 3 3.29 14.95 -5.39
CA GLU A 3 4.13 14.15 -6.32
C GLU A 3 4.00 12.66 -6.02
N ALA A 4 4.66 12.21 -4.98
CA ALA A 4 4.58 10.76 -4.62
C ALA A 4 3.13 10.34 -4.39
N ARG A 5 2.83 9.08 -4.56
CA ARG A 5 1.43 8.61 -4.35
C ARG A 5 1.14 8.48 -2.84
N GLU A 6 -0.06 8.10 -2.49
CA GLU A 6 -0.41 7.95 -1.05
C GLU A 6 -0.88 6.52 -0.77
N CYS A 7 -0.16 5.80 0.04
CA CYS A 7 -0.57 4.40 0.35
C CYS A 7 -2.02 4.35 0.79
N VAL A 8 -2.88 3.79 -0.02
CA VAL A 8 -4.32 3.71 0.36
C VAL A 8 -4.45 3.11 1.77
N ASN A 9 -3.45 2.44 2.25
CA ASN A 9 -3.54 1.83 3.61
C ASN A 9 -2.98 2.76 4.70
N CYS A 10 -1.75 3.16 4.61
CA CYS A 10 -1.19 4.02 5.69
C CYS A 10 -0.80 5.41 5.16
N GLY A 11 -1.01 5.68 3.89
CA GLY A 11 -0.68 7.03 3.35
C GLY A 11 0.83 7.19 3.17
N ALA A 12 1.57 6.14 3.35
CA ALA A 12 3.04 6.22 3.19
C ALA A 12 3.39 6.96 1.88
N THR A 13 3.99 8.11 1.98
CA THR A 13 4.36 8.87 0.75
C THR A 13 5.86 8.77 0.51
N ALA A 14 6.58 8.13 1.40
CA ALA A 14 8.05 8.00 1.21
C ALA A 14 8.43 6.53 1.05
N THR A 15 7.76 5.83 0.16
CA THR A 15 8.08 4.39 -0.04
C THR A 15 9.11 4.23 -1.17
N PRO A 16 9.88 3.18 -1.08
CA PRO A 16 10.90 2.90 -2.10
C PRO A 16 10.27 2.37 -3.39
N LEU A 17 9.03 1.97 -3.33
CA LEU A 17 8.36 1.46 -4.56
C LEU A 17 6.85 1.25 -4.30
N TRP A 18 6.04 1.67 -5.23
CA TRP A 18 4.57 1.50 -5.05
C TRP A 18 4.08 0.24 -5.78
N ARG A 19 3.00 -0.34 -5.34
CA ARG A 19 2.49 -1.57 -6.00
C ARG A 19 0.96 -1.60 -5.94
N ARG A 20 0.32 -1.63 -7.08
CA ARG A 20 -1.18 -1.66 -7.09
C ARG A 20 -1.68 -3.11 -7.06
N ASP A 21 -2.91 -3.31 -6.72
CA ASP A 21 -3.46 -4.70 -6.67
C ASP A 21 -4.77 -4.77 -7.46
N ARG A 22 -5.55 -5.79 -7.22
CA ARG A 22 -6.84 -5.92 -7.96
C ARG A 22 -7.63 -4.62 -7.90
N THR A 23 -7.49 -3.89 -6.83
CA THR A 23 -8.25 -2.61 -6.71
C THR A 23 -7.44 -1.45 -7.29
N GLY A 24 -6.37 -1.74 -7.97
CA GLY A 24 -5.54 -0.66 -8.58
C GLY A 24 -5.15 0.37 -7.52
N HIS A 25 -4.93 -0.05 -6.31
CA HIS A 25 -4.54 0.92 -5.24
C HIS A 25 -3.03 1.16 -5.29
N TYR A 26 -2.47 1.75 -4.28
CA TYR A 26 -1.00 2.01 -4.30
C TYR A 26 -0.40 1.79 -2.90
N LEU A 27 -0.36 0.58 -2.44
CA LEU A 27 0.24 0.33 -1.08
C LEU A 27 1.70 0.76 -1.08
N CYS A 28 2.30 0.86 0.08
CA CYS A 28 3.73 1.28 0.14
C CYS A 28 4.62 0.05 0.41
N ASN A 29 4.41 -1.02 -0.32
CA ASN A 29 5.24 -2.24 -0.11
C ASN A 29 4.88 -2.91 1.23
N ALA A 30 5.19 -2.26 2.32
CA ALA A 30 4.87 -2.85 3.66
C ALA A 30 3.40 -3.27 3.71
N CYS A 31 2.52 -2.36 3.44
CA CYS A 31 1.06 -2.69 3.49
C CYS A 31 0.71 -3.69 2.38
N GLY A 32 1.57 -3.84 1.41
CA GLY A 32 1.27 -4.80 0.30
C GLY A 32 2.00 -6.11 0.54
N LEU A 33 2.80 -6.19 1.58
CA LEU A 33 3.54 -7.45 1.88
C LEU A 33 2.56 -8.56 2.28
N TYR A 34 1.58 -8.23 3.08
CA TYR A 34 0.60 -9.26 3.51
C TYR A 34 -0.22 -9.76 2.32
N HIS A 35 -0.38 -8.95 1.30
CA HIS A 35 -1.17 -9.38 0.12
C HIS A 35 -0.38 -10.36 -0.74
N LYS A 36 0.89 -10.11 -0.91
CA LYS A 36 1.72 -11.04 -1.75
C LYS A 36 2.02 -12.33 -0.99
N MET A 37 1.81 -12.35 0.30
CA MET A 37 2.09 -13.59 1.08
C MET A 37 0.80 -14.41 1.25
N ASN A 38 -0.18 -13.85 1.89
CA ASN A 38 -1.46 -14.59 2.08
C ASN A 38 -2.47 -14.22 0.99
N GLY A 39 -2.41 -13.02 0.51
CA GLY A 39 -3.36 -12.61 -0.56
C GLY A 39 -4.35 -11.57 0.00
N GLN A 40 -4.56 -11.58 1.28
CA GLN A 40 -5.51 -10.59 1.88
C GLN A 40 -4.87 -9.20 1.93
N ASN A 41 -5.53 -8.26 2.56
CA ASN A 41 -4.96 -6.89 2.64
C ASN A 41 -4.31 -6.66 4.01
N ARG A 42 -3.94 -5.45 4.30
CA ARG A 42 -3.30 -5.15 5.61
C ARG A 42 -4.22 -4.32 6.49
N PRO A 43 -4.49 -4.82 7.68
CA PRO A 43 -5.38 -4.11 8.62
C PRO A 43 -4.65 -2.89 9.20
N LEU A 44 -5.34 -2.08 9.95
CA LEU A 44 -4.69 -0.88 10.54
C LEU A 44 -4.79 -0.91 12.08
N ILE A 45 -5.75 -0.21 12.63
CA ILE A 45 -5.90 -0.21 14.10
C ILE A 45 -6.87 -1.32 14.54
N ARG A 46 -6.64 -1.89 15.69
CA ARG A 46 -7.54 -2.98 16.17
C ARG A 46 -8.60 -2.41 17.12
ZN ZN B . 1.48 1.71 3.62
N GLY A 1 -0.82 12.02 -2.18
CA GLY A 1 0.08 13.19 -1.97
C GLY A 1 0.34 13.88 -3.32
N SER A 2 1.52 14.42 -3.49
CA SER A 2 1.83 15.11 -4.77
C SER A 2 2.74 14.24 -5.64
N GLU A 3 4.03 14.40 -5.53
CA GLU A 3 4.96 13.57 -6.34
C GLU A 3 4.68 12.09 -6.11
N ALA A 4 4.98 11.59 -4.95
CA ALA A 4 4.74 10.14 -4.66
C ALA A 4 3.25 9.89 -4.46
N ARG A 5 2.84 8.65 -4.50
CA ARG A 5 1.40 8.33 -4.31
C ARG A 5 1.05 8.28 -2.82
N GLU A 6 -0.14 7.85 -2.49
CA GLU A 6 -0.54 7.77 -1.06
C GLU A 6 -1.04 6.36 -0.74
N CYS A 7 -0.30 5.62 0.05
CA CYS A 7 -0.74 4.24 0.38
C CYS A 7 -2.19 4.24 0.86
N VAL A 8 -3.09 3.76 0.05
CA VAL A 8 -4.52 3.73 0.46
C VAL A 8 -4.67 3.09 1.86
N ASN A 9 -3.68 2.37 2.30
CA ASN A 9 -3.77 1.72 3.64
C ASN A 9 -3.19 2.62 4.74
N CYS A 10 -1.96 3.03 4.62
CA CYS A 10 -1.37 3.88 5.71
C CYS A 10 -0.95 5.26 5.18
N GLY A 11 -1.12 5.52 3.90
CA GLY A 11 -0.75 6.87 3.35
C GLY A 11 0.76 7.01 3.20
N ALA A 12 1.48 5.93 3.36
CA ALA A 12 2.96 5.99 3.22
C ALA A 12 3.35 6.72 1.93
N THR A 13 3.88 7.91 2.04
CA THR A 13 4.27 8.67 0.82
C THR A 13 5.80 8.66 0.66
N ALA A 14 6.49 7.88 1.44
CA ALA A 14 7.97 7.83 1.33
C ALA A 14 8.43 6.44 0.89
N THR A 15 7.50 5.59 0.52
CA THR A 15 7.88 4.21 0.08
C THR A 15 8.90 4.28 -1.06
N PRO A 16 9.76 3.29 -1.09
CA PRO A 16 10.80 3.22 -2.14
C PRO A 16 10.17 2.85 -3.49
N LEU A 17 9.02 2.23 -3.45
CA LEU A 17 8.35 1.84 -4.73
C LEU A 17 6.87 1.54 -4.45
N TRP A 18 6.02 1.79 -5.41
CA TRP A 18 4.56 1.53 -5.20
C TRP A 18 4.14 0.24 -5.90
N ARG A 19 2.88 -0.11 -5.80
CA ARG A 19 2.40 -1.37 -6.45
C ARG A 19 0.88 -1.49 -6.25
N ARG A 20 0.13 -1.48 -7.30
CA ARG A 20 -1.36 -1.59 -7.16
C ARG A 20 -1.81 -3.06 -7.20
N ASP A 21 -2.99 -3.32 -6.72
CA ASP A 21 -3.51 -4.71 -6.73
C ASP A 21 -4.79 -4.80 -7.57
N ARG A 22 -5.77 -5.53 -7.11
CA ARG A 22 -7.04 -5.65 -7.89
C ARG A 22 -7.76 -4.31 -7.96
N THR A 23 -7.64 -3.51 -6.93
CA THR A 23 -8.34 -2.20 -6.93
C THR A 23 -7.46 -1.11 -7.57
N GLY A 24 -6.32 -1.48 -8.07
CA GLY A 24 -5.42 -0.48 -8.71
C GLY A 24 -4.98 0.58 -7.70
N HIS A 25 -4.98 0.25 -6.43
CA HIS A 25 -4.55 1.25 -5.41
C HIS A 25 -3.02 1.37 -5.42
N TYR A 26 -2.46 2.06 -4.47
CA TYR A 26 -0.97 2.20 -4.44
C TYR A 26 -0.43 2.01 -3.03
N LEU A 27 -0.39 0.80 -2.54
CA LEU A 27 0.13 0.58 -1.16
C LEU A 27 1.61 1.01 -1.08
N CYS A 28 2.20 0.89 0.07
CA CYS A 28 3.64 1.29 0.20
C CYS A 28 4.53 0.07 0.41
N ASN A 29 4.33 -0.97 -0.33
CA ASN A 29 5.18 -2.19 -0.16
C ASN A 29 4.92 -2.84 1.21
N ALA A 30 5.18 -2.12 2.26
CA ALA A 30 4.96 -2.69 3.63
C ALA A 30 3.53 -3.21 3.76
N CYS A 31 2.56 -2.40 3.41
CA CYS A 31 1.14 -2.85 3.52
C CYS A 31 0.84 -3.93 2.47
N GLY A 32 1.58 -3.97 1.40
CA GLY A 32 1.33 -4.99 0.36
C GLY A 32 1.96 -6.32 0.78
N LEU A 33 2.95 -6.28 1.62
CA LEU A 33 3.61 -7.54 2.08
C LEU A 33 2.54 -8.60 2.38
N TYR A 34 1.64 -8.31 3.28
CA TYR A 34 0.58 -9.30 3.62
C TYR A 34 -0.12 -9.79 2.35
N HIS A 35 -0.38 -8.90 1.44
CA HIS A 35 -1.08 -9.30 0.18
C HIS A 35 -0.15 -10.17 -0.68
N LYS A 36 1.12 -9.90 -0.65
CA LYS A 36 2.08 -10.71 -1.46
C LYS A 36 2.36 -12.06 -0.80
N MET A 37 2.07 -12.18 0.47
CA MET A 37 2.32 -13.46 1.18
C MET A 37 1.02 -14.24 1.36
N ASN A 38 0.18 -13.78 2.24
CA ASN A 38 -1.12 -14.48 2.47
C ASN A 38 -2.08 -14.23 1.30
N GLY A 39 -2.03 -13.05 0.74
CA GLY A 39 -2.93 -12.73 -0.40
C GLY A 39 -4.06 -11.83 0.09
N GLN A 40 -4.31 -11.80 1.37
CA GLN A 40 -5.40 -10.93 1.89
C GLN A 40 -4.91 -9.48 2.01
N ASN A 41 -5.73 -8.62 2.55
CA ASN A 41 -5.31 -7.19 2.69
C ASN A 41 -4.81 -6.92 4.10
N ARG A 42 -3.89 -6.00 4.26
CA ARG A 42 -3.38 -5.69 5.62
C ARG A 42 -4.14 -4.51 6.22
N PRO A 43 -4.90 -4.80 7.25
CA PRO A 43 -5.69 -3.76 7.93
C PRO A 43 -4.78 -2.85 8.76
N LEU A 44 -5.30 -1.76 9.25
CA LEU A 44 -4.47 -0.84 10.06
C LEU A 44 -4.76 -1.03 11.55
N ILE A 45 -5.66 -0.26 12.10
CA ILE A 45 -5.99 -0.39 13.54
C ILE A 45 -7.22 -1.28 13.72
N ARG A 46 -8.18 -1.17 12.84
CA ARG A 46 -9.40 -2.02 12.97
C ARG A 46 -10.02 -2.26 11.58
ZN ZN B . 1.30 1.53 3.64
N GLY A 1 3.22 17.98 2.08
CA GLY A 1 2.78 18.09 0.66
C GLY A 1 1.98 16.85 0.27
N SER A 2 1.95 16.52 -0.99
CA SER A 2 1.18 15.32 -1.42
C SER A 2 1.53 14.96 -2.87
N GLU A 3 2.71 15.31 -3.31
CA GLU A 3 3.11 15.00 -4.71
C GLU A 3 3.13 13.49 -4.93
N ALA A 4 3.98 12.79 -4.25
CA ALA A 4 4.06 11.31 -4.42
C ALA A 4 2.68 10.68 -4.18
N ARG A 5 2.55 9.42 -4.49
CA ARG A 5 1.24 8.72 -4.26
C ARG A 5 1.00 8.52 -2.77
N GLU A 6 -0.17 8.08 -2.40
CA GLU A 6 -0.46 7.86 -0.96
C GLU A 6 -0.91 6.42 -0.73
N CYS A 7 -0.14 5.65 -0.01
CA CYS A 7 -0.52 4.24 0.25
C CYS A 7 -1.95 4.15 0.76
N VAL A 8 -2.83 3.58 -0.01
CA VAL A 8 -4.25 3.47 0.44
C VAL A 8 -4.30 2.83 1.83
N ASN A 9 -3.25 2.15 2.22
CA ASN A 9 -3.24 1.48 3.56
C ASN A 9 -2.68 2.40 4.64
N CYS A 10 -1.45 2.85 4.52
CA CYS A 10 -0.88 3.71 5.59
C CYS A 10 -0.57 5.12 5.06
N GLY A 11 -0.83 5.38 3.80
CA GLY A 11 -0.59 6.76 3.25
C GLY A 11 0.91 7.01 3.08
N ALA A 12 1.71 5.99 3.20
CA ALA A 12 3.18 6.17 3.06
C ALA A 12 3.49 6.94 1.76
N THR A 13 4.07 8.10 1.88
CA THR A 13 4.40 8.90 0.66
C THR A 13 5.90 8.82 0.36
N ALA A 14 6.66 8.25 1.24
CA ALA A 14 8.13 8.12 1.01
C ALA A 14 8.50 6.66 0.75
N THR A 15 7.82 6.02 -0.17
CA THR A 15 8.14 4.60 -0.47
C THR A 15 9.03 4.49 -1.71
N PRO A 16 9.82 3.44 -1.75
CA PRO A 16 10.72 3.21 -2.89
C PRO A 16 9.95 2.81 -4.14
N LEU A 17 9.03 1.89 -4.02
CA LEU A 17 8.22 1.47 -5.20
C LEU A 17 6.74 1.39 -4.85
N TRP A 18 5.89 1.72 -5.77
CA TRP A 18 4.42 1.68 -5.49
C TRP A 18 3.80 0.41 -6.08
N ARG A 19 3.64 0.37 -7.38
CA ARG A 19 3.03 -0.83 -8.02
C ARG A 19 1.58 -0.99 -7.56
N ARG A 20 0.66 -1.09 -8.48
CA ARG A 20 -0.78 -1.23 -8.09
C ARG A 20 -1.15 -2.72 -7.93
N ASP A 21 -2.27 -2.98 -7.30
CA ASP A 21 -2.69 -4.39 -7.10
C ASP A 21 -4.05 -4.64 -7.75
N ARG A 22 -4.78 -5.60 -7.28
CA ARG A 22 -6.12 -5.89 -7.87
C ARG A 22 -7.02 -4.66 -7.80
N THR A 23 -6.90 -3.89 -6.76
CA THR A 23 -7.75 -2.68 -6.64
C THR A 23 -7.08 -1.48 -7.29
N GLY A 24 -6.02 -1.70 -8.02
CA GLY A 24 -5.31 -0.57 -8.69
C GLY A 24 -4.85 0.44 -7.65
N HIS A 25 -4.85 0.09 -6.40
CA HIS A 25 -4.41 1.04 -5.35
C HIS A 25 -2.89 1.26 -5.44
N TYR A 26 -2.32 1.96 -4.50
CA TYR A 26 -0.85 2.21 -4.54
C TYR A 26 -0.23 1.96 -3.16
N LEU A 27 -0.21 0.74 -2.71
CA LEU A 27 0.40 0.48 -1.37
C LEU A 27 1.85 0.98 -1.36
N CYS A 28 2.50 0.95 -0.22
CA CYS A 28 3.90 1.45 -0.17
C CYS A 28 4.90 0.29 -0.30
N ASN A 29 4.67 -0.81 0.37
CA ASN A 29 5.62 -1.97 0.27
C ASN A 29 5.27 -3.03 1.31
N ALA A 30 5.29 -2.67 2.56
CA ALA A 30 4.96 -3.65 3.64
C ALA A 30 3.45 -3.88 3.75
N CYS A 31 2.67 -2.87 3.46
CA CYS A 31 1.19 -3.02 3.56
C CYS A 31 0.72 -4.18 2.66
N GLY A 32 1.49 -4.51 1.66
CA GLY A 32 1.09 -5.63 0.75
C GLY A 32 1.63 -6.95 1.29
N LEU A 33 2.63 -6.89 2.13
CA LEU A 33 3.21 -8.15 2.69
C LEU A 33 2.10 -9.11 3.11
N TYR A 34 1.06 -8.61 3.72
CA TYR A 34 -0.05 -9.49 4.17
C TYR A 34 -0.89 -9.94 2.96
N HIS A 35 -1.00 -9.13 1.96
CA HIS A 35 -1.82 -9.50 0.77
C HIS A 35 -1.04 -10.44 -0.15
N LYS A 36 0.23 -10.21 -0.31
CA LYS A 36 1.05 -11.09 -1.20
C LYS A 36 1.35 -12.42 -0.52
N MET A 37 1.24 -12.49 0.78
CA MET A 37 1.51 -13.76 1.49
C MET A 37 0.21 -14.42 1.93
N ASN A 38 -0.47 -13.82 2.87
CA ASN A 38 -1.77 -14.42 3.35
C ASN A 38 -2.83 -14.28 2.26
N GLY A 39 -2.71 -13.29 1.42
CA GLY A 39 -3.72 -13.10 0.35
C GLY A 39 -4.81 -12.13 0.84
N GLN A 40 -5.05 -12.11 2.12
CA GLN A 40 -6.09 -11.19 2.65
C GLN A 40 -5.55 -9.76 2.75
N ASN A 41 -6.32 -8.86 3.30
CA ASN A 41 -5.84 -7.46 3.42
C ASN A 41 -5.20 -7.22 4.80
N ARG A 42 -4.53 -6.12 4.97
CA ARG A 42 -3.88 -5.84 6.28
C ARG A 42 -4.44 -4.54 6.87
N PRO A 43 -5.21 -4.69 7.91
CA PRO A 43 -5.81 -3.52 8.59
C PRO A 43 -4.77 -2.75 9.39
N LEU A 44 -5.10 -1.57 9.83
CA LEU A 44 -4.12 -0.77 10.62
C LEU A 44 -4.80 -0.15 11.84
N ILE A 45 -4.05 0.47 12.70
CA ILE A 45 -4.64 1.09 13.91
C ILE A 45 -5.05 2.53 13.64
N ARG A 46 -4.14 3.33 13.14
CA ARG A 46 -4.48 4.75 12.85
C ARG A 46 -5.21 4.86 11.51
ZN ZN B . 1.62 1.43 3.34
N GLY A 1 -0.95 20.02 -2.62
CA GLY A 1 0.42 19.41 -2.62
C GLY A 1 0.31 17.91 -2.33
N SER A 2 0.59 17.09 -3.31
CA SER A 2 0.50 15.62 -3.09
C SER A 2 1.16 14.87 -4.25
N GLU A 3 2.31 15.33 -4.68
CA GLU A 3 3.01 14.64 -5.80
C GLU A 3 3.15 13.15 -5.51
N ALA A 4 3.98 12.80 -4.57
CA ALA A 4 4.17 11.37 -4.23
C ALA A 4 2.81 10.71 -3.98
N ARG A 5 2.68 9.45 -4.29
CA ARG A 5 1.37 8.76 -4.07
C ARG A 5 1.17 8.52 -2.57
N GLU A 6 -0.03 8.16 -2.17
CA GLU A 6 -0.29 7.91 -0.73
C GLU A 6 -0.77 6.47 -0.53
N CYS A 7 -0.02 5.69 0.21
CA CYS A 7 -0.43 4.28 0.43
C CYS A 7 -1.91 4.21 0.81
N VAL A 8 -2.72 3.69 -0.06
CA VAL A 8 -4.18 3.57 0.25
C VAL A 8 -4.37 2.89 1.62
N ASN A 9 -3.35 2.20 2.09
CA ASN A 9 -3.48 1.51 3.41
C ASN A 9 -2.99 2.38 4.56
N CYS A 10 -1.75 2.81 4.54
CA CYS A 10 -1.25 3.64 5.67
C CYS A 10 -0.85 5.06 5.22
N GLY A 11 -1.04 5.38 3.96
CA GLY A 11 -0.72 6.76 3.48
C GLY A 11 0.79 6.92 3.25
N ALA A 12 1.55 5.89 3.50
CA ALA A 12 3.02 5.97 3.30
C ALA A 12 3.34 6.70 2.00
N THR A 13 4.02 7.82 2.07
CA THR A 13 4.35 8.56 0.82
C THR A 13 5.83 8.36 0.47
N ALA A 14 6.60 7.82 1.38
CA ALA A 14 8.05 7.60 1.11
C ALA A 14 8.32 6.10 0.90
N THR A 15 7.88 5.56 -0.20
CA THR A 15 8.13 4.11 -0.47
C THR A 15 9.10 3.94 -1.64
N PRO A 16 9.80 2.83 -1.62
CA PRO A 16 10.79 2.55 -2.69
C PRO A 16 10.07 2.23 -4.01
N LEU A 17 8.91 1.61 -3.93
CA LEU A 17 8.16 1.29 -5.18
C LEU A 17 6.69 1.10 -4.87
N TRP A 18 5.82 1.68 -5.67
CA TRP A 18 4.36 1.54 -5.42
C TRP A 18 3.83 0.28 -6.09
N ARG A 19 2.93 -0.42 -5.45
CA ARG A 19 2.37 -1.66 -6.06
C ARG A 19 0.84 -1.57 -6.11
N ARG A 20 0.28 -1.55 -7.29
CA ARG A 20 -1.20 -1.46 -7.40
C ARG A 20 -1.81 -2.87 -7.42
N ASP A 21 -3.11 -2.97 -7.37
CA ASP A 21 -3.75 -4.31 -7.36
C ASP A 21 -4.90 -4.37 -8.38
N ARG A 22 -5.76 -5.35 -8.24
CA ARG A 22 -6.90 -5.49 -9.19
C ARG A 22 -7.66 -4.17 -9.33
N THR A 23 -7.68 -3.37 -8.30
CA THR A 23 -8.41 -2.08 -8.38
C THR A 23 -7.49 -0.97 -8.90
N GLY A 24 -6.29 -0.89 -8.39
CA GLY A 24 -5.36 0.16 -8.87
C GLY A 24 -4.93 1.06 -7.72
N HIS A 25 -4.72 0.53 -6.56
CA HIS A 25 -4.29 1.38 -5.41
C HIS A 25 -2.77 1.54 -5.44
N TYR A 26 -2.20 2.15 -4.43
CA TYR A 26 -0.72 2.34 -4.41
C TYR A 26 -0.17 2.08 -3.01
N LEU A 27 -0.14 0.85 -2.56
CA LEU A 27 0.39 0.57 -1.20
C LEU A 27 1.86 1.01 -1.10
N CYS A 28 2.45 0.89 0.05
CA CYS A 28 3.88 1.30 0.20
C CYS A 28 4.77 0.06 0.36
N ASN A 29 4.43 -1.00 -0.33
CA ASN A 29 5.25 -2.25 -0.23
C ASN A 29 5.11 -2.86 1.16
N ALA A 30 5.45 -2.12 2.19
CA ALA A 30 5.34 -2.67 3.57
C ALA A 30 3.92 -3.16 3.84
N CYS A 31 2.94 -2.51 3.27
CA CYS A 31 1.53 -2.94 3.50
C CYS A 31 1.18 -4.14 2.60
N GLY A 32 1.69 -4.15 1.40
CA GLY A 32 1.40 -5.29 0.48
C GLY A 32 2.01 -6.58 1.04
N LEU A 33 3.00 -6.46 1.88
CA LEU A 33 3.64 -7.68 2.45
C LEU A 33 2.57 -8.69 2.87
N TYR A 34 1.73 -8.33 3.81
CA TYR A 34 0.67 -9.27 4.25
C TYR A 34 -0.09 -9.82 3.04
N HIS A 35 -0.28 -9.01 2.05
CA HIS A 35 -1.02 -9.48 0.83
C HIS A 35 -0.13 -10.41 0.00
N LYS A 36 1.16 -10.38 0.20
CA LYS A 36 2.07 -11.26 -0.58
C LYS A 36 1.91 -12.72 -0.15
N MET A 37 1.93 -12.98 1.13
CA MET A 37 1.80 -14.39 1.60
C MET A 37 0.36 -14.68 2.01
N ASN A 38 -0.14 -13.96 2.98
CA ASN A 38 -1.54 -14.21 3.43
C ASN A 38 -2.54 -13.74 2.36
N GLY A 39 -2.19 -12.73 1.62
CA GLY A 39 -3.11 -12.24 0.56
C GLY A 39 -4.15 -11.29 1.18
N GLN A 40 -4.23 -11.25 2.48
CA GLN A 40 -5.22 -10.34 3.13
C GLN A 40 -4.67 -8.92 3.17
N ASN A 41 -5.43 -7.99 3.70
CA ASN A 41 -4.94 -6.58 3.77
C ASN A 41 -4.23 -6.34 5.10
N ARG A 42 -3.47 -5.29 5.19
CA ARG A 42 -2.75 -5.00 6.46
C ARG A 42 -3.41 -3.83 7.20
N PRO A 43 -3.73 -4.05 8.45
CA PRO A 43 -4.36 -3.00 9.27
C PRO A 43 -3.37 -1.89 9.60
N LEU A 44 -3.81 -0.86 10.27
CA LEU A 44 -2.90 0.25 10.62
C LEU A 44 -2.53 0.20 12.10
N ILE A 45 -2.09 1.29 12.66
CA ILE A 45 -1.72 1.31 14.10
C ILE A 45 -2.45 2.43 14.83
N ARG A 46 -2.64 2.29 16.11
CA ARG A 46 -3.35 3.35 16.89
C ARG A 46 -2.36 4.13 17.75
ZN ZN B . 1.49 1.42 3.61
N GLY A 1 -1.15 19.24 -3.41
CA GLY A 1 0.22 18.65 -3.52
C GLY A 1 0.12 17.12 -3.43
N SER A 2 0.80 16.42 -4.29
CA SER A 2 0.75 14.93 -4.26
C SER A 2 1.87 14.34 -5.11
N GLU A 3 3.06 14.82 -4.95
CA GLU A 3 4.19 14.29 -5.77
C GLU A 3 4.19 12.76 -5.74
N ALA A 4 4.51 12.17 -4.62
CA ALA A 4 4.52 10.69 -4.54
C ALA A 4 3.10 10.16 -4.32
N ARG A 5 2.87 8.91 -4.60
CA ARG A 5 1.50 8.35 -4.41
C ARG A 5 1.19 8.25 -2.92
N GLU A 6 0.00 7.83 -2.58
CA GLU A 6 -0.38 7.70 -1.14
C GLU A 6 -0.88 6.28 -0.86
N CYS A 7 -0.18 5.55 -0.02
CA CYS A 7 -0.62 4.18 0.29
C CYS A 7 -2.09 4.14 0.67
N VAL A 8 -2.92 3.59 -0.18
CA VAL A 8 -4.37 3.52 0.13
C VAL A 8 -4.57 2.90 1.52
N ASN A 9 -3.57 2.23 2.04
CA ASN A 9 -3.71 1.59 3.38
C ASN A 9 -3.20 2.50 4.50
N CYS A 10 -1.95 2.90 4.47
CA CYS A 10 -1.44 3.74 5.58
C CYS A 10 -1.01 5.15 5.10
N GLY A 11 -1.19 5.44 3.83
CA GLY A 11 -0.84 6.81 3.33
C GLY A 11 0.68 6.96 3.21
N ALA A 12 1.41 5.90 3.37
CA ALA A 12 2.89 5.98 3.26
C ALA A 12 3.29 6.69 1.96
N THR A 13 3.88 7.85 2.07
CA THR A 13 4.29 8.60 0.85
C THR A 13 5.81 8.49 0.63
N ALA A 14 6.51 7.93 1.58
CA ALA A 14 7.99 7.81 1.43
C ALA A 14 8.36 6.34 1.21
N THR A 15 7.85 5.72 0.18
CA THR A 15 8.18 4.30 -0.09
C THR A 15 9.21 4.20 -1.21
N PRO A 16 9.98 3.15 -1.18
CA PRO A 16 11.02 2.93 -2.21
C PRO A 16 10.39 2.51 -3.54
N LEU A 17 9.18 2.02 -3.49
CA LEU A 17 8.50 1.59 -4.75
C LEU A 17 7.01 1.37 -4.50
N TRP A 18 6.18 1.73 -5.44
CA TRP A 18 4.71 1.54 -5.25
C TRP A 18 4.24 0.28 -5.99
N ARG A 19 2.98 -0.04 -5.86
CA ARG A 19 2.44 -1.25 -6.55
C ARG A 19 0.92 -1.26 -6.48
N ARG A 20 0.26 -1.51 -7.59
CA ARG A 20 -1.23 -1.52 -7.57
C ARG A 20 -1.75 -2.93 -7.29
N ASP A 21 -3.00 -3.05 -6.96
CA ASP A 21 -3.58 -4.38 -6.65
C ASP A 21 -4.92 -4.57 -7.38
N ARG A 22 -5.73 -5.48 -6.92
CA ARG A 22 -7.05 -5.71 -7.57
C ARG A 22 -7.85 -4.40 -7.67
N THR A 23 -7.71 -3.54 -6.71
CA THR A 23 -8.49 -2.27 -6.75
C THR A 23 -7.65 -1.13 -7.34
N GLY A 24 -6.65 -1.45 -8.12
CA GLY A 24 -5.82 -0.39 -8.74
C GLY A 24 -5.44 0.66 -7.69
N HIS A 25 -4.82 0.25 -6.61
CA HIS A 25 -4.41 1.23 -5.57
C HIS A 25 -2.88 1.40 -5.59
N TYR A 26 -2.31 1.89 -4.52
CA TYR A 26 -0.83 2.07 -4.50
C TYR A 26 -0.29 1.92 -3.08
N LEU A 27 -0.24 0.71 -2.58
CA LEU A 27 0.28 0.50 -1.20
C LEU A 27 1.73 0.97 -1.11
N CYS A 28 2.33 0.88 0.05
CA CYS A 28 3.75 1.33 0.19
C CYS A 28 4.67 0.14 0.39
N ASN A 29 4.43 -0.94 -0.31
CA ASN A 29 5.29 -2.15 -0.17
C ASN A 29 5.08 -2.80 1.19
N ALA A 30 5.32 -2.08 2.25
CA ALA A 30 5.14 -2.66 3.62
C ALA A 30 3.71 -3.19 3.79
N CYS A 31 2.74 -2.44 3.35
CA CYS A 31 1.33 -2.90 3.48
C CYS A 31 1.04 -4.03 2.49
N GLY A 32 1.62 -3.97 1.33
CA GLY A 32 1.38 -5.03 0.31
C GLY A 32 1.93 -6.36 0.83
N LEU A 33 2.85 -6.32 1.76
CA LEU A 33 3.43 -7.58 2.30
C LEU A 33 2.33 -8.61 2.52
N TYR A 34 1.34 -8.28 3.29
CA TYR A 34 0.22 -9.24 3.55
C TYR A 34 -0.29 -9.80 2.22
N HIS A 35 -0.58 -8.95 1.27
CA HIS A 35 -1.09 -9.43 -0.04
C HIS A 35 -0.03 -10.29 -0.74
N LYS A 36 1.22 -10.07 -0.43
CA LYS A 36 2.30 -10.87 -1.07
C LYS A 36 2.35 -12.28 -0.47
N MET A 37 2.10 -12.39 0.81
CA MET A 37 2.14 -13.74 1.45
C MET A 37 0.73 -14.29 1.63
N ASN A 38 -0.06 -13.66 2.46
CA ASN A 38 -1.45 -14.15 2.68
C ASN A 38 -2.32 -13.89 1.45
N GLY A 39 -2.02 -12.87 0.70
CA GLY A 39 -2.82 -12.58 -0.51
C GLY A 39 -3.97 -11.63 -0.16
N GLN A 40 -4.33 -11.56 1.09
CA GLN A 40 -5.44 -10.65 1.49
C GLN A 40 -4.93 -9.21 1.60
N ASN A 41 -5.70 -8.34 2.18
CA ASN A 41 -5.25 -6.93 2.31
C ASN A 41 -4.44 -6.75 3.61
N ARG A 42 -4.22 -5.54 4.02
CA ARG A 42 -3.44 -5.30 5.28
C ARG A 42 -4.18 -4.31 6.17
N PRO A 43 -4.59 -4.79 7.32
CA PRO A 43 -5.32 -3.94 8.29
C PRO A 43 -4.36 -2.95 8.94
N LEU A 44 -4.84 -2.15 9.85
CA LEU A 44 -3.95 -1.16 10.52
C LEU A 44 -4.02 -1.32 12.05
N ILE A 45 -3.48 -0.39 12.78
CA ILE A 45 -3.52 -0.49 14.26
C ILE A 45 -3.59 0.90 14.89
N ARG A 46 -4.73 1.53 14.84
CA ARG A 46 -4.86 2.88 15.45
C ARG A 46 -5.32 2.78 16.89
ZN ZN B . 1.35 1.47 3.59
N GLY A 1 0.64 19.44 0.15
CA GLY A 1 1.64 18.46 -0.36
C GLY A 1 0.92 17.23 -0.92
N SER A 2 1.12 16.94 -2.18
CA SER A 2 0.44 15.75 -2.77
C SER A 2 1.22 15.27 -4.01
N GLU A 3 2.49 15.59 -4.09
CA GLU A 3 3.30 15.16 -5.25
C GLU A 3 3.43 13.63 -5.27
N ALA A 4 4.14 13.08 -4.32
CA ALA A 4 4.32 11.60 -4.28
C ALA A 4 2.96 10.90 -4.07
N ARG A 5 2.90 9.64 -4.36
CA ARG A 5 1.63 8.89 -4.18
C ARG A 5 1.34 8.68 -2.69
N GLU A 6 0.15 8.26 -2.36
CA GLU A 6 -0.18 8.04 -0.91
C GLU A 6 -0.69 6.62 -0.71
N CYS A 7 0.00 5.84 0.09
CA CYS A 7 -0.44 4.44 0.33
C CYS A 7 -1.91 4.40 0.71
N VAL A 8 -2.73 3.83 -0.14
CA VAL A 8 -4.19 3.74 0.17
C VAL A 8 -4.41 3.15 1.57
N ASN A 9 -3.43 2.51 2.12
CA ASN A 9 -3.61 1.90 3.47
C ASN A 9 -3.08 2.80 4.60
N CYS A 10 -1.82 3.18 4.56
CA CYS A 10 -1.30 4.03 5.67
C CYS A 10 -0.86 5.41 5.17
N GLY A 11 -0.96 5.67 3.88
CA GLY A 11 -0.59 7.02 3.36
C GLY A 11 0.93 7.16 3.23
N ALA A 12 1.64 6.10 3.45
CA ALA A 12 3.12 6.16 3.34
C ALA A 12 3.52 6.82 2.02
N THR A 13 4.17 7.94 2.06
CA THR A 13 4.58 8.62 0.80
C THR A 13 6.07 8.42 0.54
N ALA A 14 6.78 7.91 1.51
CA ALA A 14 8.24 7.67 1.31
C ALA A 14 8.50 6.17 1.16
N THR A 15 7.99 5.57 0.12
CA THR A 15 8.20 4.10 -0.09
C THR A 15 8.78 3.85 -1.48
N PRO A 16 9.45 2.73 -1.62
CA PRO A 16 10.06 2.36 -2.92
C PRO A 16 8.98 2.08 -3.96
N LEU A 17 9.28 1.31 -4.97
CA LEU A 17 8.28 1.01 -6.04
C LEU A 17 6.88 0.83 -5.42
N TRP A 18 5.89 1.47 -5.99
CA TRP A 18 4.51 1.35 -5.45
C TRP A 18 3.82 0.11 -6.02
N ARG A 19 3.65 0.06 -7.31
CA ARG A 19 2.96 -1.11 -7.94
C ARG A 19 1.51 -1.18 -7.44
N ARG A 20 0.57 -1.28 -8.33
CA ARG A 20 -0.86 -1.33 -7.90
C ARG A 20 -1.29 -2.78 -7.67
N ASP A 21 -2.44 -2.98 -7.10
CA ASP A 21 -2.91 -4.37 -6.84
C ASP A 21 -4.21 -4.65 -7.60
N ARG A 22 -4.92 -5.68 -7.24
CA ARG A 22 -6.19 -6.01 -7.93
C ARG A 22 -7.13 -4.80 -7.93
N THR A 23 -7.14 -4.04 -6.87
CA THR A 23 -8.05 -2.86 -6.82
C THR A 23 -7.35 -1.62 -7.41
N GLY A 24 -6.14 -1.77 -7.88
CA GLY A 24 -5.43 -0.61 -8.48
C GLY A 24 -5.04 0.40 -7.39
N HIS A 25 -4.86 -0.05 -6.17
CA HIS A 25 -4.46 0.89 -5.09
C HIS A 25 -2.95 1.11 -5.13
N TYR A 26 -2.41 1.79 -4.16
CA TYR A 26 -0.94 2.05 -4.17
C TYR A 26 -0.32 1.76 -2.79
N LEU A 27 -0.42 0.55 -2.33
CA LEU A 27 0.16 0.23 -0.99
C LEU A 27 1.65 0.61 -0.97
N CYS A 28 2.22 0.71 0.19
CA CYS A 28 3.67 1.08 0.28
C CYS A 28 4.51 -0.17 0.56
N ASN A 29 4.23 -1.24 -0.13
CA ASN A 29 5.02 -2.50 0.07
C ASN A 29 4.73 -3.09 1.45
N ALA A 30 5.01 -2.35 2.50
CA ALA A 30 4.76 -2.88 3.87
C ALA A 30 3.29 -3.25 4.04
N CYS A 31 2.40 -2.44 3.54
CA CYS A 31 0.94 -2.75 3.68
C CYS A 31 0.55 -3.90 2.74
N GLY A 32 1.15 -3.95 1.58
CA GLY A 32 0.81 -5.04 0.61
C GLY A 32 1.52 -6.34 1.04
N LEU A 33 2.44 -6.25 1.96
CA LEU A 33 3.16 -7.48 2.41
C LEU A 33 2.17 -8.60 2.70
N TYR A 34 1.09 -8.29 3.36
CA TYR A 34 0.08 -9.35 3.69
C TYR A 34 -0.45 -9.98 2.40
N HIS A 35 -0.82 -9.19 1.44
CA HIS A 35 -1.34 -9.75 0.16
C HIS A 35 -0.25 -10.53 -0.57
N LYS A 36 0.98 -10.13 -0.40
CA LYS A 36 2.10 -10.85 -1.09
C LYS A 36 2.29 -12.24 -0.48
N MET A 37 2.01 -12.39 0.79
CA MET A 37 2.18 -13.72 1.44
C MET A 37 0.82 -14.34 1.74
N ASN A 38 -0.03 -13.63 2.44
CA ASN A 38 -1.37 -14.18 2.77
C ASN A 38 -2.32 -14.00 1.59
N GLY A 39 -2.11 -12.99 0.79
CA GLY A 39 -3.00 -12.79 -0.38
C GLY A 39 -4.16 -11.86 0.01
N GLN A 40 -4.40 -11.70 1.28
CA GLN A 40 -5.52 -10.81 1.72
C GLN A 40 -5.07 -9.34 1.68
N ASN A 41 -5.81 -8.48 2.31
CA ASN A 41 -5.44 -7.04 2.31
C ASN A 41 -4.57 -6.72 3.52
N ARG A 42 -4.71 -5.54 4.08
CA ARG A 42 -3.90 -5.17 5.27
C ARG A 42 -4.72 -4.30 6.22
N PRO A 43 -5.08 -4.88 7.33
CA PRO A 43 -5.88 -4.16 8.35
C PRO A 43 -5.04 -3.09 9.06
N LEU A 44 -5.63 -2.38 9.98
CA LEU A 44 -4.86 -1.34 10.71
C LEU A 44 -5.28 -1.34 12.20
N ILE A 45 -4.61 -0.56 13.00
CA ILE A 45 -4.97 -0.52 14.45
C ILE A 45 -5.70 0.79 14.78
N ARG A 46 -6.68 1.14 14.01
CA ARG A 46 -7.42 2.40 14.29
C ARG A 46 -8.50 2.17 15.36
ZN ZN B . 1.30 1.63 3.67
N GLY A 1 2.07 16.64 2.92
CA GLY A 1 0.65 16.23 3.06
C GLY A 1 0.35 15.09 2.08
N SER A 2 0.47 15.35 0.81
CA SER A 2 0.19 14.27 -0.20
C SER A 2 0.99 14.52 -1.48
N GLU A 3 2.21 14.99 -1.36
CA GLU A 3 3.03 15.25 -2.57
C GLU A 3 3.07 14.00 -3.46
N ALA A 4 3.94 13.08 -3.14
CA ALA A 4 4.02 11.83 -3.96
C ALA A 4 2.73 11.01 -3.82
N ARG A 5 2.77 9.76 -4.19
CA ARG A 5 1.54 8.91 -4.08
C ARG A 5 1.23 8.63 -2.61
N GLU A 6 -0.01 8.30 -2.32
CA GLU A 6 -0.39 7.99 -0.91
C GLU A 6 -0.81 6.53 -0.77
N CYS A 7 -0.09 5.76 0.01
CA CYS A 7 -0.46 4.33 0.17
C CYS A 7 -1.95 4.19 0.47
N VAL A 8 -2.66 3.48 -0.36
CA VAL A 8 -4.12 3.30 -0.14
C VAL A 8 -4.41 2.84 1.29
N ASN A 9 -3.43 2.34 1.99
CA ASN A 9 -3.67 1.85 3.37
C ASN A 9 -3.08 2.76 4.44
N CYS A 10 -1.80 3.05 4.39
CA CYS A 10 -1.21 3.90 5.46
C CYS A 10 -0.74 5.26 4.92
N GLY A 11 -1.00 5.55 3.67
CA GLY A 11 -0.60 6.89 3.11
C GLY A 11 0.91 6.95 2.90
N ALA A 12 1.59 5.88 3.18
CA ALA A 12 3.07 5.86 3.00
C ALA A 12 3.46 6.42 1.64
N THR A 13 3.99 7.61 1.61
CA THR A 13 4.40 8.20 0.31
C THR A 13 5.93 8.30 0.23
N ALA A 14 6.62 7.42 0.91
CA ALA A 14 8.11 7.45 0.86
C ALA A 14 8.65 6.07 0.48
N THR A 15 7.82 5.25 -0.11
CA THR A 15 8.29 3.89 -0.51
C THR A 15 9.14 3.94 -1.77
N PRO A 16 10.05 3.01 -1.87
CA PRO A 16 10.96 2.96 -3.05
C PRO A 16 10.21 2.43 -4.28
N LEU A 17 8.95 2.14 -4.15
CA LEU A 17 8.16 1.64 -5.31
C LEU A 17 6.69 1.47 -4.92
N TRP A 18 5.79 1.74 -5.83
CA TRP A 18 4.34 1.61 -5.52
C TRP A 18 3.74 0.37 -6.18
N ARG A 19 3.52 0.43 -7.47
CA ARG A 19 2.91 -0.74 -8.18
C ARG A 19 1.47 -0.93 -7.70
N ARG A 20 0.54 -1.00 -8.61
CA ARG A 20 -0.89 -1.16 -8.21
C ARG A 20 -1.24 -2.65 -8.09
N ASP A 21 -2.36 -2.95 -7.49
CA ASP A 21 -2.77 -4.37 -7.35
C ASP A 21 -4.09 -4.60 -8.09
N ARG A 22 -4.79 -5.65 -7.79
CA ARG A 22 -6.08 -5.92 -8.48
C ARG A 22 -7.03 -4.74 -8.31
N THR A 23 -6.95 -4.06 -7.19
CA THR A 23 -7.86 -2.91 -6.97
C THR A 23 -7.22 -1.62 -7.49
N GLY A 24 -6.16 -1.73 -8.25
CA GLY A 24 -5.51 -0.52 -8.80
C GLY A 24 -5.14 0.43 -7.65
N HIS A 25 -4.74 -0.12 -6.53
CA HIS A 25 -4.37 0.75 -5.38
C HIS A 25 -2.88 1.09 -5.43
N TYR A 26 -2.34 1.66 -4.39
CA TYR A 26 -0.89 2.01 -4.41
C TYR A 26 -0.26 1.75 -3.04
N LEU A 27 -0.31 0.53 -2.56
CA LEU A 27 0.30 0.24 -1.24
C LEU A 27 1.75 0.74 -1.22
N CYS A 28 2.35 0.85 -0.07
CA CYS A 28 3.75 1.32 -0.01
C CYS A 28 4.71 0.13 0.08
N ASN A 29 4.44 -0.91 -0.67
CA ASN A 29 5.33 -2.11 -0.65
C ASN A 29 5.15 -2.89 0.66
N ALA A 30 5.28 -2.23 1.78
CA ALA A 30 5.13 -2.93 3.08
C ALA A 30 3.68 -3.39 3.29
N CYS A 31 2.74 -2.50 3.20
CA CYS A 31 1.31 -2.88 3.40
C CYS A 31 0.93 -4.05 2.50
N GLY A 32 1.47 -4.11 1.32
CA GLY A 32 1.13 -5.22 0.39
C GLY A 32 1.76 -6.53 0.87
N LEU A 33 2.84 -6.46 1.60
CA LEU A 33 3.49 -7.70 2.10
C LEU A 33 2.45 -8.66 2.67
N TYR A 34 1.70 -8.24 3.66
CA TYR A 34 0.67 -9.13 4.26
C TYR A 34 -0.20 -9.75 3.17
N HIS A 35 -0.71 -8.94 2.27
CA HIS A 35 -1.57 -9.48 1.18
C HIS A 35 -0.81 -10.57 0.39
N LYS A 36 0.49 -10.52 0.39
CA LYS A 36 1.27 -11.54 -0.37
C LYS A 36 1.37 -12.84 0.44
N MET A 37 1.39 -12.76 1.74
CA MET A 37 1.50 -13.99 2.57
C MET A 37 0.13 -14.40 3.11
N ASN A 38 -0.75 -13.46 3.31
CA ASN A 38 -2.10 -13.81 3.84
C ASN A 38 -3.14 -13.68 2.73
N GLY A 39 -2.92 -12.82 1.77
CA GLY A 39 -3.89 -12.66 0.67
C GLY A 39 -4.94 -11.60 1.06
N GLN A 40 -5.28 -11.53 2.31
CA GLN A 40 -6.29 -10.51 2.74
C GLN A 40 -5.63 -9.14 2.86
N ASN A 41 -6.39 -8.14 3.24
CA ASN A 41 -5.82 -6.78 3.37
C ASN A 41 -5.10 -6.65 4.71
N ARG A 42 -4.69 -5.46 5.06
CA ARG A 42 -3.98 -5.28 6.37
C ARG A 42 -4.89 -4.52 7.35
N PRO A 43 -4.60 -4.68 8.60
CA PRO A 43 -5.38 -3.99 9.66
C PRO A 43 -5.11 -2.48 9.65
N LEU A 44 -3.96 -2.09 10.11
CA LEU A 44 -3.63 -0.64 10.13
C LEU A 44 -4.59 0.12 11.05
N ILE A 45 -4.82 1.38 10.79
CA ILE A 45 -5.74 2.17 11.65
C ILE A 45 -7.18 2.06 11.13
N ARG A 46 -8.14 2.09 12.00
CA ARG A 46 -9.55 1.98 11.56
C ARG A 46 -10.30 3.29 11.85
ZN ZN B . 1.41 1.51 3.43
N GLY A 1 0.14 17.81 1.80
CA GLY A 1 1.55 17.38 1.59
C GLY A 1 1.58 15.96 1.04
N SER A 2 1.29 15.79 -0.22
CA SER A 2 1.30 14.43 -0.82
C SER A 2 1.82 14.48 -2.26
N GLU A 3 2.91 15.16 -2.47
CA GLU A 3 3.46 15.24 -3.86
C GLU A 3 3.53 13.86 -4.50
N ALA A 4 4.07 12.91 -3.80
CA ALA A 4 4.15 11.53 -4.36
C ALA A 4 2.81 10.81 -4.20
N ARG A 5 2.79 9.51 -4.41
CA ARG A 5 1.52 8.75 -4.27
C ARG A 5 1.18 8.57 -2.78
N GLU A 6 -0.03 8.18 -2.49
CA GLU A 6 -0.42 8.00 -1.06
C GLU A 6 -0.88 6.55 -0.83
N CYS A 7 -0.12 5.80 -0.09
CA CYS A 7 -0.52 4.39 0.17
C CYS A 7 -1.96 4.32 0.64
N VAL A 8 -2.83 3.78 -0.16
CA VAL A 8 -4.26 3.66 0.24
C VAL A 8 -4.37 3.02 1.62
N ASN A 9 -3.34 2.33 2.05
CA ASN A 9 -3.40 1.66 3.38
C ASN A 9 -2.87 2.59 4.48
N CYS A 10 -1.64 3.04 4.38
CA CYS A 10 -1.11 3.93 5.44
C CYS A 10 -0.74 5.31 4.89
N GLY A 11 -0.97 5.55 3.61
CA GLY A 11 -0.68 6.90 3.03
C GLY A 11 0.82 7.08 2.78
N ALA A 12 1.59 6.08 3.10
CA ALA A 12 3.06 6.17 2.90
C ALA A 12 3.37 6.71 1.49
N THR A 13 3.87 7.91 1.41
CA THR A 13 4.21 8.48 0.07
C THR A 13 5.72 8.64 -0.08
N ALA A 14 6.48 7.88 0.66
CA ALA A 14 7.96 7.97 0.56
C ALA A 14 8.55 6.57 0.36
N THR A 15 7.84 5.73 -0.33
CA THR A 15 8.34 4.34 -0.56
C THR A 15 9.27 4.29 -1.78
N PRO A 16 10.16 3.33 -1.75
CA PRO A 16 11.13 3.14 -2.86
C PRO A 16 10.41 2.62 -4.11
N LEU A 17 9.21 2.13 -3.97
CA LEU A 17 8.47 1.62 -5.16
C LEU A 17 7.00 1.40 -4.82
N TRP A 18 6.11 1.70 -5.72
CA TRP A 18 4.66 1.52 -5.44
C TRP A 18 4.14 0.25 -6.14
N ARG A 19 3.14 -0.38 -5.57
CA ARG A 19 2.58 -1.61 -6.19
C ARG A 19 1.05 -1.56 -6.18
N ARG A 20 0.43 -1.57 -7.32
CA ARG A 20 -1.06 -1.53 -7.36
C ARG A 20 -1.64 -2.94 -7.40
N ASP A 21 -2.93 -3.06 -7.17
CA ASP A 21 -3.57 -4.40 -7.18
C ASP A 21 -4.85 -4.37 -8.02
N ARG A 22 -5.72 -5.32 -7.83
CA ARG A 22 -6.99 -5.35 -8.61
C ARG A 22 -7.72 -4.01 -8.49
N THR A 23 -7.54 -3.32 -7.40
CA THR A 23 -8.24 -2.03 -7.21
C THR A 23 -7.39 -0.89 -7.77
N GLY A 24 -6.26 -1.20 -8.34
CA GLY A 24 -5.39 -0.13 -8.91
C GLY A 24 -4.93 0.83 -7.82
N HIS A 25 -4.81 0.36 -6.60
CA HIS A 25 -4.36 1.26 -5.50
C HIS A 25 -2.84 1.45 -5.57
N TYR A 26 -2.29 2.17 -4.63
CA TYR A 26 -0.81 2.39 -4.64
C TYR A 26 -0.24 2.18 -3.24
N LEU A 27 -0.22 0.97 -2.77
CA LEU A 27 0.33 0.72 -1.41
C LEU A 27 1.79 1.21 -1.34
N CYS A 28 2.42 1.13 -0.21
CA CYS A 28 3.83 1.59 -0.11
C CYS A 28 4.80 0.41 -0.16
N ASN A 29 4.48 -0.68 0.49
CA ASN A 29 5.39 -1.86 0.47
C ASN A 29 4.93 -2.91 1.47
N ALA A 30 5.15 -2.66 2.74
CA ALA A 30 4.76 -3.65 3.78
C ALA A 30 3.22 -3.81 3.81
N CYS A 31 2.50 -2.79 3.47
CA CYS A 31 1.01 -2.90 3.49
C CYS A 31 0.55 -4.02 2.55
N GLY A 32 1.33 -4.31 1.54
CA GLY A 32 0.93 -5.39 0.59
C GLY A 32 1.56 -6.71 1.03
N LEU A 33 2.58 -6.65 1.84
CA LEU A 33 3.24 -7.90 2.30
C LEU A 33 2.18 -8.96 2.65
N TYR A 34 1.22 -8.60 3.45
CA TYR A 34 0.16 -9.59 3.82
C TYR A 34 -0.40 -10.27 2.56
N HIS A 35 -0.57 -9.53 1.51
CA HIS A 35 -1.10 -10.14 0.25
C HIS A 35 -0.09 -11.13 -0.34
N LYS A 36 1.16 -10.99 -0.01
CA LYS A 36 2.19 -11.92 -0.55
C LYS A 36 2.19 -13.24 0.23
N MET A 37 2.11 -13.17 1.53
CA MET A 37 2.12 -14.43 2.34
C MET A 37 0.70 -14.97 2.52
N ASN A 38 -0.08 -14.36 3.37
CA ASN A 38 -1.47 -14.84 3.60
C ASN A 38 -2.35 -14.58 2.36
N GLY A 39 -2.04 -13.55 1.61
CA GLY A 39 -2.85 -13.25 0.41
C GLY A 39 -4.01 -12.32 0.77
N GLN A 40 -4.34 -12.24 2.04
CA GLN A 40 -5.46 -11.35 2.45
C GLN A 40 -4.97 -9.91 2.54
N ASN A 41 -5.80 -9.02 3.04
CA ASN A 41 -5.38 -7.60 3.15
C ASN A 41 -4.69 -7.34 4.50
N ARG A 42 -3.87 -6.33 4.57
CA ARG A 42 -3.17 -6.03 5.86
C ARG A 42 -4.04 -5.11 6.72
N PRO A 43 -4.29 -5.52 7.92
CA PRO A 43 -5.12 -4.73 8.86
C PRO A 43 -4.35 -3.50 9.35
N LEU A 44 -5.03 -2.60 10.01
CA LEU A 44 -4.35 -1.39 10.53
C LEU A 44 -4.85 -1.06 11.93
N ILE A 45 -4.35 -0.02 12.53
CA ILE A 45 -4.80 0.34 13.90
C ILE A 45 -5.79 1.51 13.84
N ARG A 46 -5.30 2.71 13.68
CA ARG A 46 -6.21 3.89 13.62
C ARG A 46 -7.12 3.79 12.38
ZN ZN B . 1.50 1.59 3.36
N GLY A 1 0.63 18.99 -7.00
CA GLY A 1 -0.57 18.86 -6.12
C GLY A 1 -0.45 17.59 -5.28
N SER A 2 0.21 16.59 -5.79
CA SER A 2 0.36 15.31 -5.02
C SER A 2 1.28 14.35 -5.77
N GLU A 3 2.45 14.79 -6.13
CA GLU A 3 3.39 13.88 -6.86
C GLU A 3 3.47 12.53 -6.15
N ALA A 4 4.06 12.51 -4.98
CA ALA A 4 4.18 11.23 -4.24
C ALA A 4 2.79 10.62 -4.01
N ARG A 5 2.64 9.34 -4.23
CA ARG A 5 1.31 8.72 -4.02
C ARG A 5 1.04 8.55 -2.52
N GLU A 6 -0.14 8.11 -2.18
CA GLU A 6 -0.48 7.93 -0.73
C GLU A 6 -0.92 6.47 -0.50
N CYS A 7 -0.15 5.72 0.24
CA CYS A 7 -0.51 4.31 0.51
C CYS A 7 -1.96 4.21 0.98
N VAL A 8 -2.82 3.68 0.16
CA VAL A 8 -4.25 3.54 0.57
C VAL A 8 -4.34 2.86 1.95
N ASN A 9 -3.30 2.18 2.36
CA ASN A 9 -3.34 1.49 3.68
C ASN A 9 -2.76 2.36 4.79
N CYS A 10 -1.52 2.79 4.70
CA CYS A 10 -0.95 3.62 5.79
C CYS A 10 -0.69 5.06 5.33
N GLY A 11 -0.97 5.36 4.08
CA GLY A 11 -0.78 6.76 3.57
C GLY A 11 0.70 7.08 3.39
N ALA A 12 1.54 6.10 3.55
CA ALA A 12 2.99 6.34 3.37
C ALA A 12 3.25 7.08 2.05
N THR A 13 3.80 8.26 2.12
CA THR A 13 4.06 9.03 0.87
C THR A 13 5.54 8.96 0.51
N ALA A 14 6.36 8.54 1.42
CA ALA A 14 7.82 8.43 1.14
C ALA A 14 8.23 6.97 1.04
N THR A 15 7.82 6.29 0.00
CA THR A 15 8.17 4.84 -0.14
C THR A 15 8.76 4.59 -1.54
N PRO A 16 9.54 3.55 -1.64
CA PRO A 16 10.17 3.19 -2.94
C PRO A 16 9.09 2.76 -3.95
N LEU A 17 9.44 1.95 -4.92
CA LEU A 17 8.45 1.51 -5.94
C LEU A 17 7.06 1.31 -5.30
N TRP A 18 6.05 1.86 -5.91
CA TRP A 18 4.68 1.71 -5.35
C TRP A 18 4.03 0.42 -5.86
N ARG A 19 3.82 0.33 -7.14
CA ARG A 19 3.19 -0.90 -7.70
C ARG A 19 1.74 -0.99 -7.24
N ARG A 20 0.82 -1.19 -8.15
CA ARG A 20 -0.61 -1.27 -7.76
C ARG A 20 -1.01 -2.73 -7.49
N ASP A 21 -2.21 -2.94 -7.02
CA ASP A 21 -2.67 -4.32 -6.71
C ASP A 21 -4.01 -4.60 -7.41
N ARG A 22 -4.67 -5.66 -7.04
CA ARG A 22 -5.98 -5.98 -7.67
C ARG A 22 -6.93 -4.79 -7.58
N THR A 23 -6.82 -4.02 -6.53
CA THR A 23 -7.73 -2.85 -6.37
C THR A 23 -7.11 -1.61 -7.04
N GLY A 24 -6.06 -1.79 -7.79
CA GLY A 24 -5.41 -0.64 -8.46
C GLY A 24 -5.01 0.40 -7.40
N HIS A 25 -4.70 -0.03 -6.21
CA HIS A 25 -4.30 0.94 -5.15
C HIS A 25 -2.80 1.21 -5.24
N TYR A 26 -2.25 1.89 -4.27
CA TYR A 26 -0.80 2.19 -4.31
C TYR A 26 -0.15 1.96 -2.94
N LEU A 27 0.04 0.73 -2.55
CA LEU A 27 0.66 0.47 -1.22
C LEU A 27 2.08 1.05 -1.18
N CYS A 28 2.68 1.09 -0.03
CA CYS A 28 4.06 1.64 0.06
C CYS A 28 5.10 0.51 0.01
N ASN A 29 4.81 -0.61 0.62
CA ASN A 29 5.78 -1.74 0.60
C ASN A 29 5.34 -2.84 1.57
N ALA A 30 5.50 -2.64 2.84
CA ALA A 30 5.10 -3.68 3.84
C ALA A 30 3.58 -3.89 3.82
N CYS A 31 2.82 -2.86 3.56
CA CYS A 31 1.34 -3.01 3.55
C CYS A 31 0.93 -4.11 2.55
N GLY A 32 1.70 -4.32 1.53
CA GLY A 32 1.35 -5.36 0.52
C GLY A 32 1.90 -6.73 0.97
N LEU A 33 2.91 -6.72 1.79
CA LEU A 33 3.50 -8.01 2.26
C LEU A 33 2.39 -9.01 2.59
N TYR A 34 1.40 -8.59 3.34
CA TYR A 34 0.29 -9.52 3.71
C TYR A 34 -0.49 -9.93 2.45
N HIS A 35 -0.92 -8.98 1.68
CA HIS A 35 -1.69 -9.31 0.44
C HIS A 35 -0.90 -10.28 -0.44
N LYS A 36 0.39 -10.39 -0.21
CA LYS A 36 1.22 -11.31 -1.05
C LYS A 36 0.92 -12.78 -0.68
N MET A 37 1.05 -13.12 0.57
CA MET A 37 0.78 -14.54 0.99
C MET A 37 -0.71 -14.73 1.30
N ASN A 38 -1.26 -13.89 2.12
CA ASN A 38 -2.71 -14.02 2.46
C ASN A 38 -3.58 -13.66 1.26
N GLY A 39 -3.16 -12.72 0.48
CA GLY A 39 -3.96 -12.32 -0.71
C GLY A 39 -4.95 -11.23 -0.32
N GLN A 40 -5.37 -11.21 0.92
CA GLN A 40 -6.35 -10.17 1.36
C GLN A 40 -5.64 -8.83 1.55
N ASN A 41 -6.35 -7.83 2.01
CA ASN A 41 -5.72 -6.50 2.22
C ASN A 41 -4.90 -6.51 3.52
N ARG A 42 -4.89 -5.40 4.22
CA ARG A 42 -4.11 -5.35 5.50
C ARG A 42 -4.60 -4.17 6.35
N PRO A 43 -5.00 -4.49 7.56
CA PRO A 43 -5.50 -3.45 8.49
C PRO A 43 -4.34 -2.60 9.02
N LEU A 44 -4.65 -1.51 9.66
CA LEU A 44 -3.58 -0.63 10.22
C LEU A 44 -3.49 -0.79 11.74
N ILE A 45 -2.76 0.05 12.40
CA ILE A 45 -2.63 -0.06 13.87
C ILE A 45 -3.73 0.77 14.56
N ARG A 46 -4.32 0.23 15.60
CA ARG A 46 -5.39 0.98 16.32
C ARG A 46 -4.81 1.75 17.50
ZN ZN B . 1.71 1.49 3.52
N GLY A 1 2.45 17.45 1.66
CA GLY A 1 0.99 17.34 1.37
C GLY A 1 0.70 15.99 0.72
N SER A 2 0.85 15.89 -0.57
CA SER A 2 0.58 14.60 -1.26
C SER A 2 1.35 14.53 -2.59
N GLU A 3 2.56 15.03 -2.60
CA GLU A 3 3.36 15.01 -3.87
C GLU A 3 3.43 13.58 -4.42
N ALA A 4 4.10 12.71 -3.73
CA ALA A 4 4.21 11.30 -4.22
C ALA A 4 2.87 10.58 -4.03
N ARG A 5 2.83 9.31 -4.35
CA ARG A 5 1.56 8.54 -4.18
C ARG A 5 1.24 8.37 -2.69
N GLU A 6 -0.01 8.19 -2.37
CA GLU A 6 -0.38 8.01 -0.93
C GLU A 6 -0.87 6.57 -0.72
N CYS A 7 -0.11 5.78 -0.02
CA CYS A 7 -0.53 4.37 0.23
C CYS A 7 -2.01 4.32 0.60
N VAL A 8 -2.82 3.78 -0.26
CA VAL A 8 -4.28 3.69 0.04
C VAL A 8 -4.49 3.08 1.43
N ASN A 9 -3.51 2.40 1.96
CA ASN A 9 -3.68 1.77 3.30
C ASN A 9 -3.12 2.66 4.42
N CYS A 10 -1.87 3.04 4.36
CA CYS A 10 -1.32 3.87 5.45
C CYS A 10 -0.86 5.26 4.95
N GLY A 11 -1.08 5.57 3.70
CA GLY A 11 -0.68 6.92 3.17
C GLY A 11 0.83 7.00 2.96
N ALA A 12 1.53 5.95 3.27
CA ALA A 12 3.01 5.95 3.11
C ALA A 12 3.41 6.42 1.70
N THR A 13 3.86 7.64 1.59
CA THR A 13 4.27 8.15 0.25
C THR A 13 5.79 8.26 0.17
N ALA A 14 6.50 7.50 0.95
CA ALA A 14 7.99 7.55 0.92
C ALA A 14 8.56 6.19 0.48
N THR A 15 7.71 5.21 0.38
CA THR A 15 8.18 3.85 -0.05
C THR A 15 9.05 3.95 -1.30
N PRO A 16 9.87 2.95 -1.50
CA PRO A 16 10.77 2.91 -2.67
C PRO A 16 9.97 2.62 -3.95
N LEU A 17 9.19 1.57 -3.94
CA LEU A 17 8.39 1.22 -5.14
C LEU A 17 6.93 0.99 -4.75
N TRP A 18 6.00 1.31 -5.62
CA TRP A 18 4.57 1.11 -5.29
C TRP A 18 4.04 -0.14 -5.99
N ARG A 19 2.93 -0.66 -5.55
CA ARG A 19 2.35 -1.87 -6.20
C ARG A 19 0.83 -1.81 -6.17
N ARG A 20 0.20 -1.72 -7.30
CA ARG A 20 -1.28 -1.64 -7.34
C ARG A 20 -1.88 -3.04 -7.43
N ASP A 21 -3.14 -3.18 -7.08
CA ASP A 21 -3.78 -4.52 -7.12
C ASP A 21 -5.02 -4.49 -8.04
N ARG A 22 -5.96 -5.36 -7.79
CA ARG A 22 -7.18 -5.39 -8.64
C ARG A 22 -7.85 -4.02 -8.68
N THR A 23 -7.74 -3.26 -7.62
CA THR A 23 -8.37 -1.91 -7.59
C THR A 23 -7.40 -0.87 -8.13
N GLY A 24 -6.25 -1.30 -8.57
CA GLY A 24 -5.25 -0.33 -9.11
C GLY A 24 -4.85 0.67 -8.02
N HIS A 25 -4.69 0.21 -6.80
CA HIS A 25 -4.30 1.13 -5.71
C HIS A 25 -2.78 1.33 -5.70
N TYR A 26 -2.24 1.96 -4.68
CA TYR A 26 -0.78 2.17 -4.63
C TYR A 26 -0.26 1.97 -3.21
N LEU A 27 -0.12 0.75 -2.77
CA LEU A 27 0.39 0.51 -1.39
C LEU A 27 1.84 0.96 -1.29
N CYS A 28 2.39 0.94 -0.11
CA CYS A 28 3.81 1.37 0.06
C CYS A 28 4.71 0.14 0.22
N ASN A 29 4.40 -0.93 -0.44
CA ASN A 29 5.24 -2.17 -0.33
C ASN A 29 5.08 -2.80 1.07
N ALA A 30 5.32 -2.04 2.10
CA ALA A 30 5.19 -2.60 3.48
C ALA A 30 3.76 -3.09 3.73
N CYS A 31 2.79 -2.41 3.17
CA CYS A 31 1.38 -2.83 3.39
C CYS A 31 1.05 -4.04 2.52
N GLY A 32 1.54 -4.07 1.31
CA GLY A 32 1.25 -5.22 0.41
C GLY A 32 1.94 -6.48 0.95
N LEU A 33 2.90 -6.31 1.82
CA LEU A 33 3.61 -7.50 2.37
C LEU A 33 2.61 -8.57 2.82
N TYR A 34 1.74 -8.23 3.74
CA TYR A 34 0.74 -9.23 4.21
C TYR A 34 -0.02 -9.81 3.02
N HIS A 35 -0.39 -8.98 2.07
CA HIS A 35 -1.12 -9.49 0.88
C HIS A 35 -0.19 -10.31 0.00
N LYS A 36 1.09 -10.11 0.12
CA LYS A 36 2.06 -10.90 -0.71
C LYS A 36 2.23 -12.31 -0.15
N MET A 37 1.98 -12.48 1.12
CA MET A 37 2.13 -13.83 1.72
C MET A 37 0.75 -14.45 1.99
N ASN A 38 0.04 -13.92 2.94
CA ASN A 38 -1.32 -14.46 3.25
C ASN A 38 -2.31 -14.11 2.14
N GLY A 39 -2.10 -12.99 1.49
CA GLY A 39 -3.01 -12.59 0.39
C GLY A 39 -4.11 -11.67 0.95
N GLN A 40 -4.23 -11.59 2.24
CA GLN A 40 -5.29 -10.71 2.83
C GLN A 40 -4.85 -9.25 2.77
N ASN A 41 -5.55 -8.38 3.44
CA ASN A 41 -5.18 -6.94 3.41
C ASN A 41 -4.23 -6.61 4.57
N ARG A 42 -3.96 -5.35 4.79
CA ARG A 42 -3.06 -4.97 5.90
C ARG A 42 -3.74 -3.94 6.81
N PRO A 43 -3.84 -4.27 8.06
CA PRO A 43 -4.50 -3.36 9.04
C PRO A 43 -3.62 -2.13 9.30
N LEU A 44 -4.18 -1.11 9.90
CA LEU A 44 -3.39 0.11 10.18
C LEU A 44 -3.21 0.28 11.69
N ILE A 45 -2.63 1.37 12.10
CA ILE A 45 -2.42 1.60 13.55
C ILE A 45 -3.41 2.63 14.08
N ARG A 46 -3.91 3.50 13.24
CA ARG A 46 -4.89 4.52 13.69
C ARG A 46 -6.20 4.38 12.92
ZN ZN B . 1.36 1.53 3.44
#